data_4RCT
#
_entry.id   4RCT
#
_cell.length_a   75.513
_cell.length_b   106.799
_cell.length_c   108.235
_cell.angle_alpha   90.000
_cell.angle_beta   90.000
_cell.angle_gamma   90.000
#
_symmetry.space_group_name_H-M   'P 21 21 21'
#
loop_
_entity.id
_entity.type
_entity.pdbx_description
1 polymer 'Restriction endonuclease R.NgoVII'
2 water water
#
_entity_poly.entity_id   1
_entity_poly.type   'polypeptide(L)'
_entity_poly.pdbx_seq_one_letter_code
;MGSSHHHHHHSSGLVPRGSHMNTVFSNIANAKITEKSLNAVWMDLFKSADEVLMATGYVSNDAVVELHKILELNDHIQKI
DLLVGMHYLEGFSHLQYDSL(CME)KLNDFLRHEKRGAVYVSPFVKFHGKMYSFKNYQKINGLIGSANLTCFWDSTERTY
ETMLHLNGKPAQILQADIQSTIHKLGKNIQEVERPSKFIEHNSHLEN(CME)LGVQKIAPEQIRQLFAQTSEYHFSIPAK
TEEKSNLNVFFGEGRRDKRGFVKPRPWYEVELIVSKDITSQEGYPVLKSFTVITDDGWQFQCKTSGDYSKNFRSENDLKT
LGKWIKGRLESHGCLQNNEKITHETLREYGNDHFELRSTDNPDVWLLSFKGKN
;
_entity_poly.pdbx_strand_id   A,B
#
# COMPACT_ATOMS: atom_id res chain seq x y z
N SER A 19 -28.30 7.86 10.73
CA SER A 19 -28.15 8.63 11.96
C SER A 19 -27.20 7.94 12.93
N HIS A 20 -27.31 6.60 12.98
CA HIS A 20 -26.37 5.79 13.74
C HIS A 20 -25.11 5.65 12.89
N MET A 21 -25.19 6.28 11.71
CA MET A 21 -24.16 6.29 10.66
C MET A 21 -23.84 7.69 10.18
N ASN A 22 -22.55 8.03 10.16
CA ASN A 22 -22.15 9.27 9.52
C ASN A 22 -20.86 9.08 8.74
N THR A 23 -20.82 9.61 7.52
CA THR A 23 -19.57 9.62 6.79
C THR A 23 -18.61 10.59 7.46
N VAL A 24 -17.34 10.19 7.53
CA VAL A 24 -16.29 11.00 8.13
C VAL A 24 -15.06 10.91 7.24
N PHE A 25 -14.76 12.00 6.53
CA PHE A 25 -13.62 12.03 5.62
C PHE A 25 -12.51 12.92 6.20
N SER A 26 -11.34 12.87 5.56
CA SER A 26 -10.20 13.69 5.93
C SER A 26 -10.46 15.19 5.76
N ASN A 27 -11.19 15.56 4.71
CA ASN A 27 -11.64 16.93 4.48
C ASN A 27 -10.49 17.92 4.21
N ILE A 28 -9.38 17.39 3.70
CA ILE A 28 -8.25 18.23 3.31
C ILE A 28 -8.34 18.61 1.82
N ALA A 29 -7.40 19.43 1.36
CA ALA A 29 -7.31 19.80 -0.07
C ALA A 29 -8.54 20.51 -0.67
N ASN A 30 -9.16 21.42 0.08
CA ASN A 30 -10.39 22.09 -0.33
C ASN A 30 -11.47 21.12 -0.78
N ALA A 31 -11.50 19.95 -0.16
CA ALA A 31 -12.51 18.96 -0.45
C ALA A 31 -13.17 18.58 0.87
N LYS A 32 -13.83 19.56 1.46
CA LYS A 32 -14.51 19.36 2.72
C LYS A 32 -15.89 18.79 2.41
N ILE A 33 -16.07 17.50 2.66
CA ILE A 33 -17.25 16.81 2.19
C ILE A 33 -18.15 16.48 3.36
N THR A 34 -17.52 16.07 4.46
CA THR A 34 -18.26 15.64 5.64
C THR A 34 -18.18 16.71 6.71
N GLU A 35 -19.16 16.71 7.59
CA GLU A 35 -19.25 17.67 8.69
C GLU A 35 -18.00 17.65 9.56
N LYS A 36 -17.62 16.46 10.02
CA LYS A 36 -16.42 16.28 10.82
C LYS A 36 -15.29 15.62 10.03
N SER A 37 -14.06 15.91 10.46
CA SER A 37 -12.88 15.38 9.80
C SER A 37 -12.30 14.21 10.58
N LEU A 38 -11.69 13.28 9.86
CA LEU A 38 -11.23 12.00 10.43
C LEU A 38 -10.38 12.06 11.69
N ASN A 39 -9.22 12.70 11.61
CA ASN A 39 -8.29 12.75 12.73
C ASN A 39 -8.92 13.29 14.02
N ALA A 40 -9.75 14.33 13.91
CA ALA A 40 -10.38 14.94 15.08
C ALA A 40 -11.40 13.99 15.70
N VAL A 41 -12.16 13.30 14.85
CA VAL A 41 -13.16 12.34 15.33
C VAL A 41 -12.48 11.17 16.01
N TRP A 42 -11.43 10.65 15.38
CA TRP A 42 -10.70 9.52 15.90
C TRP A 42 -10.12 9.84 17.28
N MET A 43 -9.42 10.98 17.38
CA MET A 43 -8.91 11.47 18.65
C MET A 43 -9.98 11.71 19.71
N ASP A 44 -11.08 12.36 19.33
CA ASP A 44 -12.23 12.50 20.23
C ASP A 44 -12.70 11.18 20.82
N LEU A 45 -12.95 10.21 19.95
CA LEU A 45 -13.35 8.88 20.41
C LEU A 45 -12.26 8.19 21.22
N PHE A 46 -11.00 8.33 20.82
CA PHE A 46 -9.89 7.70 21.54
C PHE A 46 -9.73 8.27 22.96
N LYS A 47 -9.90 9.58 23.10
CA LYS A 47 -9.67 10.27 24.36
C LYS A 47 -10.69 9.92 25.44
N SER A 48 -11.94 9.68 25.04
CA SER A 48 -12.99 9.38 26.00
C SER A 48 -13.21 7.88 26.21
N ALA A 49 -12.45 7.05 25.51
CA ALA A 49 -12.70 5.62 25.57
C ALA A 49 -11.91 5.01 26.72
N ASP A 50 -12.39 3.88 27.24
CA ASP A 50 -11.64 3.15 28.25
C ASP A 50 -11.24 1.77 27.71
N GLU A 51 -11.80 1.39 26.57
CA GLU A 51 -11.40 0.17 25.87
C GLU A 51 -11.40 0.43 24.36
N VAL A 52 -10.34 0.01 23.68
CA VAL A 52 -10.23 0.19 22.24
C VAL A 52 -9.83 -1.08 21.49
N LEU A 53 -10.52 -1.32 20.38
CA LEU A 53 -10.13 -2.36 19.44
C LEU A 53 -9.64 -1.71 18.16
N MET A 54 -8.46 -2.12 17.69
CA MET A 54 -7.92 -1.61 16.44
C MET A 54 -7.52 -2.75 15.52
N ALA A 55 -7.96 -2.65 14.27
CA ALA A 55 -7.54 -3.58 13.24
C ALA A 55 -7.05 -2.76 12.07
N THR A 56 -5.80 -2.98 11.67
CA THR A 56 -5.21 -2.20 10.60
C THR A 56 -4.48 -3.12 9.64
N GLY A 57 -4.34 -2.68 8.40
CA GLY A 57 -3.45 -3.35 7.47
C GLY A 57 -2.00 -3.07 7.80
N TYR A 58 -1.65 -1.79 7.89
CA TYR A 58 -0.27 -1.36 8.05
C TYR A 58 -0.07 -0.45 9.26
N VAL A 59 1.19 -0.33 9.70
CA VAL A 59 1.58 0.63 10.72
C VAL A 59 2.97 1.18 10.38
N SER A 60 3.32 2.35 10.94
CA SER A 60 4.67 2.87 10.83
C SER A 60 5.33 2.84 12.19
N ASN A 61 6.65 2.87 12.21
CA ASN A 61 7.38 2.87 13.47
C ASN A 61 7.00 4.03 14.41
N ASP A 62 6.86 5.24 13.87
CA ASP A 62 6.54 6.38 14.73
C ASP A 62 5.11 6.31 15.27
N ALA A 63 4.17 5.88 14.44
CA ALA A 63 2.79 5.67 14.92
C ALA A 63 2.74 4.70 16.12
N VAL A 64 3.49 3.60 16.03
CA VAL A 64 3.51 2.62 17.10
C VAL A 64 4.23 3.14 18.36
N VAL A 65 5.40 3.73 18.16
CA VAL A 65 6.18 4.26 19.27
C VAL A 65 5.42 5.37 20.00
N GLU A 66 4.78 6.23 19.24
CA GLU A 66 3.98 7.32 19.83
C GLU A 66 2.68 6.86 20.51
N LEU A 67 2.02 5.85 19.93
CA LEU A 67 0.87 5.26 20.61
C LEU A 67 1.31 4.69 21.95
N HIS A 68 2.47 4.03 21.93
CA HIS A 68 3.09 3.46 23.12
C HIS A 68 3.32 4.53 24.21
N LYS A 69 3.96 5.65 23.87
CA LYS A 69 4.12 6.77 24.80
C LYS A 69 2.79 7.35 25.29
N ILE A 70 1.83 7.46 24.37
CA ILE A 70 0.52 7.97 24.72
C ILE A 70 -0.16 7.09 25.78
N LEU A 71 -0.01 5.78 25.66
CA LEU A 71 -0.62 4.87 26.63
C LEU A 71 0.18 4.91 27.93
N GLU A 72 1.47 5.18 27.82
CA GLU A 72 2.32 5.46 28.98
C GLU A 72 1.85 6.70 29.73
N LEU A 73 1.50 7.74 28.98
CA LEU A 73 1.22 9.04 29.56
C LEU A 73 -0.22 9.21 30.03
N ASN A 74 -1.12 8.38 29.53
CA ASN A 74 -2.52 8.53 29.88
C ASN A 74 -3.03 7.18 30.34
N ASP A 75 -3.72 7.16 31.47
CA ASP A 75 -4.16 5.90 32.07
C ASP A 75 -5.58 5.55 31.65
N HIS A 76 -6.22 6.45 30.91
CA HIS A 76 -7.63 6.30 30.53
C HIS A 76 -7.95 5.01 29.75
N ILE A 77 -7.06 4.54 28.88
CA ILE A 77 -7.32 3.29 28.17
C ILE A 77 -7.05 2.08 29.08
N GLN A 78 -8.11 1.36 29.43
CA GLN A 78 -7.96 0.22 30.33
C GLN A 78 -7.53 -1.03 29.56
N LYS A 79 -8.00 -1.15 28.33
CA LYS A 79 -7.69 -2.32 27.50
C LYS A 79 -7.55 -1.84 26.07
N ILE A 80 -6.49 -2.26 25.41
CA ILE A 80 -6.37 -1.97 24.00
C ILE A 80 -5.84 -3.21 23.28
N ASP A 81 -6.55 -3.58 22.23
CA ASP A 81 -6.17 -4.69 21.36
C ASP A 81 -5.87 -4.18 19.96
N LEU A 82 -4.72 -4.55 19.43
CA LEU A 82 -4.30 -4.06 18.12
C LEU A 82 -3.94 -5.22 17.22
N LEU A 83 -4.71 -5.39 16.14
CA LEU A 83 -4.36 -6.36 15.11
C LEU A 83 -3.66 -5.66 13.96
N VAL A 84 -2.44 -6.11 13.69
CA VAL A 84 -1.66 -5.64 12.55
C VAL A 84 -1.69 -6.73 11.48
N GLY A 85 -2.39 -6.47 10.39
CA GLY A 85 -2.80 -7.51 9.47
C GLY A 85 -1.93 -7.93 8.30
N MET A 86 -1.20 -6.99 7.71
CA MET A 86 -0.48 -7.27 6.47
C MET A 86 0.96 -7.70 6.69
N HIS A 87 1.58 -7.14 7.73
CA HIS A 87 3.04 -7.14 7.84
C HIS A 87 3.68 -8.49 8.08
N TYR A 88 3.06 -9.36 8.86
CA TYR A 88 3.67 -10.65 9.16
C TYR A 88 3.96 -11.45 7.88
N LEU A 89 2.97 -11.57 7.00
CA LEU A 89 3.17 -12.28 5.75
C LEU A 89 3.79 -11.44 4.63
N GLU A 90 3.43 -10.16 4.55
CA GLU A 90 3.94 -9.30 3.48
C GLU A 90 5.34 -8.73 3.76
N GLY A 91 5.68 -8.49 5.03
CA GLY A 91 6.97 -7.91 5.35
C GLY A 91 6.98 -6.82 6.40
N PHE A 92 7.90 -6.99 7.35
CA PHE A 92 8.16 -6.05 8.44
C PHE A 92 9.48 -5.31 8.22
N SER A 93 9.57 -4.05 8.61
CA SER A 93 10.89 -3.49 8.89
C SER A 93 11.24 -3.91 10.31
N HIS A 94 12.53 -3.98 10.65
CA HIS A 94 12.88 -4.30 12.04
C HIS A 94 12.37 -3.23 13.01
N LEU A 95 12.34 -1.97 12.58
CA LEU A 95 11.83 -0.88 13.43
C LEU A 95 10.33 -1.04 13.72
N GLN A 96 9.54 -1.35 12.70
CA GLN A 96 8.12 -1.64 12.91
C GLN A 96 7.90 -2.83 13.83
N TYR A 97 8.61 -3.93 13.55
CA TYR A 97 8.44 -5.15 14.32
C TYR A 97 8.81 -4.98 15.80
N ASP A 98 10.01 -4.47 16.03
CA ASP A 98 10.50 -4.24 17.39
C ASP A 98 9.63 -3.27 18.19
N SER A 99 9.15 -2.19 17.56
CA SER A 99 8.28 -1.25 18.26
C SER A 99 6.99 -1.94 18.70
N LEU A 100 6.47 -2.84 17.86
CA LEU A 100 5.23 -3.55 18.18
C LEU A 100 5.45 -4.52 19.33
N CME A 101 6.62 -5.15 19.35
CA CME A 101 6.98 -6.09 20.38
CB CME A 101 8.32 -6.80 20.15
SG CME A 101 8.24 -7.95 18.82
SD CME A 101 7.62 -9.74 19.73
CE CME A 101 8.89 -10.21 20.85
CZ CME A 101 10.24 -10.37 20.17
OH CME A 101 10.07 -11.34 19.15
C CME A 101 7.10 -5.35 21.69
O CME A 101 6.70 -5.80 22.77
N LYS A 102 7.67 -4.15 21.59
CA LYS A 102 7.92 -3.31 22.76
C LYS A 102 6.60 -2.79 23.33
N LEU A 103 5.67 -2.46 22.45
CA LEU A 103 4.33 -2.06 22.87
C LEU A 103 3.64 -3.22 23.58
N ASN A 104 3.71 -4.40 22.95
CA ASN A 104 3.12 -5.61 23.50
C ASN A 104 3.64 -5.92 24.90
N ASP A 105 4.95 -5.81 25.08
CA ASP A 105 5.59 -6.02 26.38
C ASP A 105 4.96 -5.13 27.45
N PHE A 106 4.81 -3.85 27.12
CA PHE A 106 4.17 -2.88 27.99
C PHE A 106 2.74 -3.25 28.34
N LEU A 107 1.93 -3.51 27.30
CA LEU A 107 0.53 -3.88 27.47
C LEU A 107 0.37 -5.13 28.33
N ARG A 108 1.21 -6.13 28.07
CA ARG A 108 1.19 -7.37 28.85
C ARG A 108 1.56 -7.10 30.31
N HIS A 109 2.65 -6.38 30.53
CA HIS A 109 3.13 -6.13 31.88
C HIS A 109 2.13 -5.26 32.66
N GLU A 110 1.32 -4.49 31.94
CA GLU A 110 0.35 -3.61 32.58
C GLU A 110 -1.04 -4.19 32.50
N LYS A 111 -1.15 -5.35 31.84
CA LYS A 111 -2.40 -6.08 31.61
C LYS A 111 -3.45 -5.17 30.98
N ARG A 112 -3.02 -4.39 29.99
CA ARG A 112 -3.88 -3.43 29.31
C ARG A 112 -4.12 -3.83 27.85
N GLY A 113 -3.81 -5.08 27.51
CA GLY A 113 -4.21 -5.66 26.24
C GLY A 113 -3.06 -6.34 25.52
N ALA A 114 -3.06 -6.26 24.19
CA ALA A 114 -2.12 -7.06 23.40
C ALA A 114 -2.02 -6.62 21.94
N VAL A 115 -0.90 -6.98 21.32
CA VAL A 115 -0.67 -6.76 19.90
C VAL A 115 -0.70 -8.11 19.19
N TYR A 116 -1.52 -8.19 18.14
CA TYR A 116 -1.64 -9.41 17.35
C TYR A 116 -1.11 -9.20 15.95
N VAL A 117 -0.52 -10.24 15.38
CA VAL A 117 -0.26 -10.29 13.95
C VAL A 117 -1.21 -11.29 13.29
N SER A 118 -1.15 -11.36 11.97
CA SER A 118 -2.04 -12.22 11.19
C SER A 118 -1.21 -13.24 10.40
N PRO A 119 -0.92 -14.38 11.02
CA PRO A 119 -0.04 -15.39 10.42
C PRO A 119 -0.68 -16.24 9.33
N PHE A 120 -2.01 -16.32 9.32
CA PHE A 120 -2.70 -17.24 8.42
C PHE A 120 -3.22 -16.58 7.16
N VAL A 121 -3.21 -15.24 7.15
CA VAL A 121 -3.75 -14.49 6.02
C VAL A 121 -3.25 -13.05 6.03
N LYS A 122 -3.19 -12.45 4.85
CA LYS A 122 -2.87 -11.04 4.72
C LYS A 122 -4.14 -10.25 4.97
N PHE A 123 -4.28 -9.74 6.21
CA PHE A 123 -5.48 -9.02 6.61
C PHE A 123 -5.32 -7.53 6.32
N HIS A 124 -6.25 -6.96 5.57
CA HIS A 124 -6.11 -5.60 5.08
C HIS A 124 -7.16 -4.62 5.62
N GLY A 125 -8.07 -5.11 6.46
CA GLY A 125 -9.11 -4.25 7.00
C GLY A 125 -8.63 -3.15 7.93
N LYS A 126 -9.37 -2.04 7.95
CA LYS A 126 -9.13 -0.95 8.90
C LYS A 126 -10.39 -0.66 9.71
N MET A 127 -10.37 -1.03 10.98
CA MET A 127 -11.56 -0.98 11.82
C MET A 127 -11.18 -0.57 13.24
N TYR A 128 -11.99 0.31 13.85
CA TYR A 128 -11.72 0.79 15.20
C TYR A 128 -12.99 0.83 16.02
N SER A 129 -12.92 0.30 17.24
CA SER A 129 -14.07 0.35 18.15
C SER A 129 -13.63 1.00 19.44
N PHE A 130 -14.47 1.90 19.94
CA PHE A 130 -14.15 2.65 21.14
C PHE A 130 -15.25 2.38 22.16
N LYS A 131 -14.86 1.89 23.34
CA LYS A 131 -15.85 1.58 24.35
C LYS A 131 -15.73 2.62 25.45
N ASN A 132 -16.78 3.42 25.62
CA ASN A 132 -16.78 4.43 26.67
C ASN A 132 -17.89 4.05 27.63
N TYR A 133 -17.54 3.44 28.75
CA TYR A 133 -18.56 2.96 29.65
C TYR A 133 -19.43 2.05 28.79
N GLN A 134 -20.72 2.31 28.76
CA GLN A 134 -21.63 1.51 27.94
C GLN A 134 -21.84 2.07 26.53
N LYS A 135 -21.18 3.17 26.18
CA LYS A 135 -21.35 3.81 24.88
C LYS A 135 -20.35 3.31 23.85
N ILE A 136 -20.84 2.90 22.70
CA ILE A 136 -19.96 2.31 21.68
C ILE A 136 -19.95 3.13 20.41
N ASN A 137 -18.74 3.40 19.90
CA ASN A 137 -18.54 4.10 18.65
C ASN A 137 -17.58 3.33 17.74
N GLY A 138 -17.87 3.28 16.45
CA GLY A 138 -16.98 2.59 15.53
C GLY A 138 -16.60 3.38 14.30
N LEU A 139 -15.41 3.10 13.78
CA LEU A 139 -14.96 3.64 12.49
C LEU A 139 -14.47 2.53 11.57
N ILE A 140 -14.87 2.59 10.31
CA ILE A 140 -14.47 1.58 9.34
C ILE A 140 -14.35 2.22 7.96
N GLY A 141 -13.23 1.97 7.30
CA GLY A 141 -12.99 2.56 5.99
C GLY A 141 -11.57 2.30 5.55
N SER A 142 -10.90 3.35 5.08
CA SER A 142 -9.64 3.21 4.37
C SER A 142 -8.40 3.43 5.24
N ALA A 143 -8.57 4.04 6.42
CA ALA A 143 -7.43 4.59 7.14
C ALA A 143 -6.69 3.57 8.03
N ASN A 144 -5.45 3.27 7.65
CA ASN A 144 -4.55 2.47 8.46
C ASN A 144 -4.16 3.25 9.70
N LEU A 145 -3.62 2.56 10.71
CA LEU A 145 -3.20 3.21 11.94
C LEU A 145 -2.03 4.14 11.64
N THR A 146 -2.26 5.43 11.83
CA THR A 146 -1.23 6.45 11.71
C THR A 146 -1.20 7.29 12.97
N CYS A 147 -0.43 8.38 12.95
CA CYS A 147 -0.49 9.35 14.02
C CYS A 147 -1.75 10.22 13.86
N PHE A 148 -2.89 9.67 14.24
CA PHE A 148 -4.16 10.40 14.19
C PHE A 148 -4.09 11.62 15.11
N TRP A 149 -3.20 11.55 16.10
CA TRP A 149 -2.91 12.65 17.01
C TRP A 149 -2.01 13.72 16.39
N ASP A 150 -1.63 13.53 15.14
CA ASP A 150 -1.03 14.60 14.35
C ASP A 150 -2.13 15.20 13.48
N SER A 151 -2.42 16.49 13.69
CA SER A 151 -3.54 17.16 13.01
C SER A 151 -3.31 17.36 11.52
N THR A 152 -2.08 17.10 11.07
CA THR A 152 -1.77 17.25 9.66
C THR A 152 -2.21 15.98 8.97
N GLU A 153 -3.25 16.03 8.14
CA GLU A 153 -3.56 14.85 7.34
C GLU A 153 -2.92 14.95 5.96
N ARG A 154 -2.33 13.83 5.55
CA ARG A 154 -1.47 13.80 4.37
C ARG A 154 -2.08 12.98 3.25
N THR A 155 -3.03 12.12 3.61
CA THR A 155 -3.76 11.37 2.61
C THR A 155 -5.23 11.64 2.85
N TYR A 156 -6.01 11.58 1.78
CA TYR A 156 -7.45 11.76 1.93
C TYR A 156 -8.08 10.40 2.20
N GLU A 157 -8.59 10.22 3.42
CA GLU A 157 -9.20 8.95 3.81
C GLU A 157 -10.72 9.09 3.94
N THR A 158 -11.41 7.95 3.88
CA THR A 158 -12.87 7.92 3.99
C THR A 158 -13.26 6.85 4.98
N MET A 159 -13.99 7.25 6.02
CA MET A 159 -14.43 6.32 7.04
C MET A 159 -15.95 6.43 7.21
N LEU A 160 -16.51 5.46 7.90
CA LEU A 160 -17.90 5.53 8.27
C LEU A 160 -17.95 5.41 9.79
N HIS A 161 -18.56 6.41 10.42
CA HIS A 161 -18.69 6.44 11.86
C HIS A 161 -20.00 5.76 12.25
N LEU A 162 -19.92 4.83 13.20
CA LEU A 162 -21.10 4.13 13.67
C LEU A 162 -21.28 4.44 15.15
N ASN A 163 -22.53 4.63 15.57
CA ASN A 163 -22.82 4.66 16.98
C ASN A 163 -24.00 3.76 17.32
N GLY A 164 -24.26 3.59 18.61
CA GLY A 164 -25.36 2.75 19.06
C GLY A 164 -25.21 1.29 18.71
N LYS A 165 -26.35 0.67 18.40
CA LYS A 165 -26.43 -0.77 18.19
C LYS A 165 -25.59 -1.33 17.01
N PRO A 166 -25.55 -0.63 15.88
CA PRO A 166 -24.63 -0.95 14.78
C PRO A 166 -23.15 -0.91 15.14
N ALA A 167 -22.76 0.04 15.97
CA ALA A 167 -21.40 0.09 16.51
C ALA A 167 -21.13 -1.13 17.37
N GLN A 168 -22.17 -1.59 18.07
CA GLN A 168 -22.06 -2.76 18.94
C GLN A 168 -21.76 -3.99 18.10
N ILE A 169 -22.46 -4.07 16.98
CA ILE A 169 -22.31 -5.16 16.03
C ILE A 169 -20.91 -5.15 15.41
N LEU A 170 -20.46 -3.98 14.98
CA LEU A 170 -19.10 -3.82 14.49
C LEU A 170 -18.05 -4.19 15.53
N GLN A 171 -18.27 -3.79 16.79
CA GLN A 171 -17.34 -4.13 17.86
C GLN A 171 -17.15 -5.65 17.99
N ALA A 172 -18.25 -6.39 17.95
CA ALA A 172 -18.19 -7.84 18.05
C ALA A 172 -17.50 -8.47 16.83
N ASP A 173 -17.72 -7.88 15.66
CA ASP A 173 -17.09 -8.36 14.44
C ASP A 173 -15.58 -8.09 14.42
N ILE A 174 -15.17 -6.97 15.01
CA ILE A 174 -13.74 -6.71 15.20
C ILE A 174 -13.13 -7.72 16.17
N GLN A 175 -13.82 -7.93 17.29
CA GLN A 175 -13.42 -8.92 18.28
C GLN A 175 -13.29 -10.31 17.67
N SER A 176 -14.28 -10.70 16.86
CA SER A 176 -14.23 -11.98 16.16
C SER A 176 -13.02 -12.08 15.24
N THR A 177 -12.73 -11.01 14.52
CA THR A 177 -11.54 -10.95 13.66
C THR A 177 -10.25 -11.24 14.44
N ILE A 178 -10.10 -10.57 15.58
CA ILE A 178 -8.95 -10.80 16.44
C ILE A 178 -8.83 -12.23 16.94
N HIS A 179 -9.97 -12.81 17.35
CA HIS A 179 -9.98 -14.19 17.86
C HIS A 179 -9.64 -15.22 16.79
N LYS A 180 -10.21 -15.06 15.60
CA LYS A 180 -10.02 -16.04 14.53
C LYS A 180 -8.74 -15.84 13.72
N LEU A 181 -8.29 -14.60 13.52
CA LEU A 181 -7.12 -14.33 12.71
C LEU A 181 -5.85 -13.99 13.50
N GLY A 182 -6.03 -13.42 14.68
CA GLY A 182 -4.90 -12.89 15.42
C GLY A 182 -4.13 -13.86 16.28
N LYS A 183 -2.81 -13.69 16.29
CA LYS A 183 -1.92 -14.39 17.21
C LYS A 183 -1.06 -13.35 17.90
N ASN A 184 -0.99 -13.44 19.23
CA ASN A 184 -0.14 -12.55 20.01
C ASN A 184 1.25 -12.50 19.39
N ILE A 185 1.75 -11.29 19.15
CA ILE A 185 3.02 -11.12 18.45
C ILE A 185 4.17 -11.73 19.23
N GLN A 186 4.04 -11.75 20.56
CA GLN A 186 4.97 -12.46 21.42
C GLN A 186 5.07 -13.96 21.06
N GLU A 187 3.98 -14.52 20.56
CA GLU A 187 3.90 -15.97 20.35
C GLU A 187 4.25 -16.45 18.94
N VAL A 188 4.81 -15.59 18.11
CA VAL A 188 5.13 -15.97 16.73
C VAL A 188 6.64 -15.95 16.54
N GLU A 189 7.14 -16.71 15.57
CA GLU A 189 8.58 -16.69 15.30
C GLU A 189 8.92 -15.32 14.71
N ARG A 190 9.98 -14.71 15.23
CA ARG A 190 10.42 -13.41 14.72
C ARG A 190 10.90 -13.59 13.29
N PRO A 191 10.38 -12.75 12.37
CA PRO A 191 10.67 -12.85 10.92
C PRO A 191 12.17 -12.95 10.60
N SER A 192 12.49 -13.86 9.70
CA SER A 192 13.87 -14.14 9.30
C SER A 192 14.46 -12.96 8.54
N LYS A 193 13.70 -12.44 7.58
CA LYS A 193 14.17 -11.37 6.73
C LYS A 193 13.26 -10.16 6.89
N PHE A 194 13.86 -8.98 6.92
CA PHE A 194 13.08 -7.75 7.04
C PHE A 194 13.11 -6.94 5.75
N ILE A 195 12.03 -6.22 5.49
CA ILE A 195 12.07 -5.24 4.42
C ILE A 195 12.86 -4.08 5.00
N GLU A 196 13.67 -3.43 4.18
CA GLU A 196 14.49 -2.34 4.72
C GLU A 196 13.65 -1.12 5.02
N HIS A 197 14.11 -0.38 6.02
CA HIS A 197 13.42 0.81 6.50
C HIS A 197 13.26 1.85 5.40
N ASN A 198 12.03 2.29 5.21
CA ASN A 198 11.72 3.32 4.25
C ASN A 198 11.02 4.43 5.02
N SER A 199 11.66 5.59 5.12
CA SER A 199 11.06 6.71 5.85
C SER A 199 9.91 7.35 5.09
N HIS A 200 9.80 7.02 3.81
CA HIS A 200 8.76 7.60 2.93
C HIS A 200 8.66 9.10 3.03
N LEU A 201 9.75 9.79 2.72
CA LEU A 201 9.76 11.25 2.70
C LEU A 201 8.80 11.81 1.65
N GLU A 202 8.55 11.05 0.58
CA GLU A 202 7.64 11.48 -0.47
C GLU A 202 6.19 11.70 0.01
N ASN A 203 5.84 11.13 1.15
CA ASN A 203 4.51 11.33 1.72
C ASN A 203 4.39 12.54 2.64
N CME A 204 5.50 13.24 2.87
CA CME A 204 5.46 14.51 3.57
CB CME A 204 6.83 15.05 4.02
SG CME A 204 7.79 13.94 5.00
SD CME A 204 6.79 13.85 6.83
CE CME A 204 5.68 12.49 6.69
CZ CME A 204 4.80 12.30 7.91
OH CME A 204 5.44 11.37 8.77
C CME A 204 4.87 15.52 2.60
O CME A 204 5.07 15.48 1.39
N LEU A 205 4.14 16.49 3.14
CA LEU A 205 3.55 17.53 2.30
C LEU A 205 4.62 18.48 1.77
N GLY A 206 4.58 18.71 0.46
CA GLY A 206 5.44 19.69 -0.17
C GLY A 206 6.81 19.13 -0.53
N VAL A 207 6.88 17.82 -0.73
CA VAL A 207 8.15 17.17 -1.03
C VAL A 207 8.19 16.56 -2.44
N GLN A 208 9.26 16.85 -3.18
CA GLN A 208 9.50 16.27 -4.51
C GLN A 208 10.79 15.49 -4.55
N LYS A 209 10.84 14.51 -5.45
CA LYS A 209 12.04 13.72 -5.64
C LYS A 209 12.81 14.26 -6.83
N ILE A 210 14.13 14.41 -6.68
CA ILE A 210 14.96 14.87 -7.77
C ILE A 210 15.90 13.74 -8.21
N ALA A 211 15.87 13.43 -9.50
CA ALA A 211 16.72 12.40 -10.09
C ALA A 211 18.21 12.61 -9.79
N PRO A 212 18.96 11.51 -9.61
CA PRO A 212 20.38 11.53 -9.25
C PRO A 212 21.25 12.32 -10.22
N GLU A 213 20.79 12.44 -11.47
CA GLU A 213 21.55 13.12 -12.50
C GLU A 213 21.46 14.63 -12.30
N GLN A 214 20.24 15.11 -12.06
CA GLN A 214 20.03 16.50 -11.70
C GLN A 214 20.83 16.86 -10.46
N ILE A 215 20.85 15.96 -9.48
CA ILE A 215 21.56 16.20 -8.22
C ILE A 215 23.06 16.36 -8.44
N ARG A 216 23.64 15.43 -9.19
CA ARG A 216 25.07 15.48 -9.54
C ARG A 216 25.47 16.79 -10.20
N GLN A 217 24.68 17.22 -11.16
CA GLN A 217 24.97 18.44 -11.89
C GLN A 217 24.77 19.66 -10.99
N LEU A 218 23.72 19.62 -10.18
CA LEU A 218 23.37 20.73 -9.30
C LEU A 218 24.41 20.93 -8.18
N PHE A 219 24.91 19.83 -7.63
CA PHE A 219 25.88 19.89 -6.54
C PHE A 219 27.32 20.06 -7.02
N ALA A 220 27.52 19.87 -8.33
CA ALA A 220 28.83 20.12 -8.95
C ALA A 220 29.28 21.56 -8.81
N GLN A 221 28.33 22.49 -8.83
CA GLN A 221 28.63 23.91 -8.76
C GLN A 221 29.34 24.31 -7.46
N THR A 222 30.06 25.43 -7.51
CA THR A 222 30.73 25.97 -6.34
C THR A 222 29.82 27.00 -5.72
N SER A 223 29.73 27.00 -4.40
CA SER A 223 28.82 27.91 -3.73
C SER A 223 29.54 29.15 -3.20
N GLU A 224 28.94 30.31 -3.46
CA GLU A 224 29.35 31.56 -2.87
C GLU A 224 29.26 31.56 -1.34
N TYR A 225 28.17 31.00 -0.82
CA TYR A 225 28.00 30.92 0.62
C TYR A 225 27.92 29.48 1.10
N HIS A 226 28.54 29.22 2.24
CA HIS A 226 28.69 27.88 2.75
C HIS A 226 28.67 27.91 4.27
N PHE A 227 27.72 27.17 4.84
CA PHE A 227 27.61 27.09 6.28
C PHE A 227 27.55 25.64 6.75
N SER A 228 28.14 25.39 7.90
CA SER A 228 28.19 24.06 8.47
C SER A 228 27.52 24.11 9.82
N ILE A 229 26.35 23.50 9.91
CA ILE A 229 25.45 23.69 11.04
C ILE A 229 25.44 22.45 11.91
N PRO A 230 25.86 22.59 13.18
CA PRO A 230 25.99 21.45 14.09
C PRO A 230 24.68 20.68 14.28
N ALA A 231 24.77 19.35 14.22
CA ALA A 231 23.72 18.46 14.70
C ALA A 231 23.80 18.40 16.22
N LYS A 232 22.82 18.99 16.89
CA LYS A 232 22.88 19.16 18.33
C LYS A 232 22.55 17.88 19.07
N THR A 233 23.11 17.72 20.27
CA THR A 233 23.02 16.45 20.99
C THR A 233 22.39 16.61 22.37
N GLU A 234 21.77 17.76 22.60
CA GLU A 234 20.91 17.94 23.78
C GLU A 234 19.96 16.75 23.91
N GLU A 235 19.69 16.33 25.14
CA GLU A 235 18.97 15.08 25.36
C GLU A 235 17.46 15.21 25.19
N LYS A 236 16.91 16.38 25.50
CA LYS A 236 15.46 16.54 25.52
C LYS A 236 14.97 17.75 24.72
N SER A 237 15.82 18.25 23.84
CA SER A 237 15.45 19.39 23.03
C SER A 237 16.22 19.34 21.73
N ASN A 238 16.06 20.36 20.90
CA ASN A 238 16.72 20.41 19.59
C ASN A 238 16.34 19.19 18.74
N LEU A 239 17.31 18.38 18.36
CA LEU A 239 17.03 17.20 17.57
C LEU A 239 16.23 16.16 18.36
N ASN A 240 16.32 16.23 19.69
CA ASN A 240 15.66 15.27 20.57
C ASN A 240 14.44 15.79 21.33
N VAL A 241 13.76 16.81 20.81
CA VAL A 241 12.53 17.32 21.44
C VAL A 241 11.49 16.23 21.75
N PHE A 242 11.55 15.11 21.04
CA PHE A 242 10.70 13.95 21.30
C PHE A 242 10.74 13.54 22.78
N PHE A 243 11.92 13.67 23.38
CA PHE A 243 12.14 13.29 24.77
C PHE A 243 11.82 14.43 25.75
N GLY A 244 11.46 15.59 25.22
CA GLY A 244 11.02 16.70 26.04
C GLY A 244 9.58 16.54 26.51
N GLU A 245 9.04 17.59 27.11
CA GLU A 245 7.71 17.52 27.70
C GLU A 245 6.63 17.47 26.63
N GLY A 246 5.62 16.64 26.84
CA GLY A 246 4.48 16.61 25.94
C GLY A 246 3.50 17.74 26.23
N ARG A 247 2.57 17.96 25.30
CA ARG A 247 1.49 18.94 25.47
C ARG A 247 0.22 18.33 26.05
N ARG A 248 -0.34 18.97 27.07
CA ARG A 248 -1.58 18.53 27.70
C ARG A 248 -2.81 19.29 27.17
N ASP A 249 -3.84 18.58 26.71
CA ASP A 249 -5.03 19.27 26.18
C ASP A 249 -5.96 19.64 27.33
N LYS A 250 -7.01 20.40 27.03
CA LYS A 250 -7.99 20.80 28.06
C LYS A 250 -8.55 19.65 28.90
N ARG A 251 -8.84 18.51 28.30
CA ARG A 251 -9.36 17.39 29.08
C ARG A 251 -8.29 16.64 29.85
N GLY A 252 -7.03 17.05 29.68
CA GLY A 252 -5.93 16.39 30.37
C GLY A 252 -5.19 15.28 29.64
N PHE A 253 -5.57 15.06 28.39
CA PHE A 253 -4.83 14.14 27.53
C PHE A 253 -3.43 14.67 27.20
N VAL A 254 -2.40 13.88 27.51
CA VAL A 254 -1.03 14.30 27.21
C VAL A 254 -0.55 13.66 25.93
N LYS A 255 -0.08 14.49 25.01
CA LYS A 255 0.48 14.04 23.74
C LYS A 255 1.99 14.28 23.69
N PRO A 256 2.78 13.23 23.41
CA PRO A 256 4.21 13.46 23.24
C PRO A 256 4.48 14.28 22.00
N ARG A 257 5.62 14.94 21.96
CA ARG A 257 6.13 15.53 20.74
C ARG A 257 6.47 14.41 19.75
N PRO A 258 6.18 14.62 18.46
CA PRO A 258 6.32 13.57 17.45
C PRO A 258 7.76 13.08 17.33
N TRP A 259 7.92 11.77 17.15
CA TRP A 259 9.24 11.19 16.87
C TRP A 259 10.01 11.89 15.74
N TYR A 260 9.33 12.20 14.65
CA TYR A 260 9.98 12.83 13.51
C TYR A 260 9.99 14.36 13.54
N GLU A 261 9.60 14.95 14.67
CA GLU A 261 9.86 16.38 14.85
C GLU A 261 11.25 16.59 15.45
N VAL A 262 12.02 17.46 14.80
CA VAL A 262 13.25 17.97 15.39
C VAL A 262 13.16 19.49 15.44
N GLU A 263 13.99 20.11 16.25
CA GLU A 263 14.14 21.55 16.18
C GLU A 263 15.59 21.78 15.77
N LEU A 264 15.75 22.30 14.55
CA LEU A 264 17.07 22.66 14.07
C LEU A 264 17.29 24.11 14.40
N ILE A 265 18.14 24.35 15.39
CA ILE A 265 18.32 25.69 15.92
C ILE A 265 19.74 26.11 15.61
N VAL A 266 19.86 27.20 14.89
CA VAL A 266 21.15 27.62 14.36
C VAL A 266 21.61 28.83 15.17
N SER A 267 22.83 28.74 15.67
CA SER A 267 23.37 29.77 16.55
C SER A 267 23.61 31.09 15.84
N LYS A 268 23.62 32.18 16.62
CA LYS A 268 23.89 33.52 16.12
C LYS A 268 25.19 33.63 15.33
N ASP A 269 26.21 32.88 15.78
CA ASP A 269 27.50 32.81 15.11
C ASP A 269 27.40 32.49 13.63
N ILE A 270 26.33 31.80 13.24
CA ILE A 270 26.15 31.38 11.86
C ILE A 270 25.09 32.22 11.13
N THR A 271 23.95 32.47 11.79
CA THR A 271 22.88 33.22 11.13
C THR A 271 23.30 34.67 10.89
N SER A 272 24.33 35.13 11.59
CA SER A 272 24.85 36.49 11.40
C SER A 272 25.83 36.60 10.23
N GLN A 273 26.23 35.46 9.66
CA GLN A 273 27.26 35.47 8.64
C GLN A 273 26.73 35.91 7.30
N GLU A 274 27.64 36.40 6.45
CA GLU A 274 27.28 36.96 5.17
C GLU A 274 26.60 35.92 4.29
N GLY A 275 25.51 36.33 3.64
CA GLY A 275 24.75 35.43 2.79
C GLY A 275 23.76 34.47 3.43
N TYR A 276 23.74 34.36 4.75
CA TYR A 276 22.78 33.48 5.41
C TYR A 276 21.35 33.91 5.06
N PRO A 277 20.50 32.93 4.70
CA PRO A 277 19.11 33.23 4.36
C PRO A 277 18.28 33.56 5.60
N VAL A 278 18.41 34.78 6.12
CA VAL A 278 17.72 35.13 7.38
C VAL A 278 16.26 35.50 7.11
N LEU A 279 15.35 35.10 8.01
CA LEU A 279 13.92 35.45 7.92
C LEU A 279 13.39 35.33 6.49
N LYS A 280 13.63 34.17 5.88
CA LYS A 280 13.31 33.96 4.47
C LYS A 280 12.70 32.58 4.26
N SER A 281 11.83 32.47 3.26
CA SER A 281 11.48 31.16 2.72
C SER A 281 12.36 30.86 1.51
N PHE A 282 12.78 29.63 1.39
CA PHE A 282 13.63 29.23 0.26
C PHE A 282 13.45 27.75 -0.06
N THR A 283 13.77 27.39 -1.29
CA THR A 283 13.78 26.00 -1.69
C THR A 283 15.06 25.35 -1.20
N VAL A 284 14.94 24.14 -0.66
CA VAL A 284 16.09 23.33 -0.32
C VAL A 284 16.12 22.07 -1.17
N ILE A 285 17.31 21.74 -1.68
CA ILE A 285 17.54 20.48 -2.35
C ILE A 285 18.60 19.66 -1.64
N THR A 286 18.28 18.41 -1.33
CA THR A 286 19.14 17.59 -0.48
C THR A 286 20.08 16.72 -1.30
N ASP A 287 21.21 16.36 -0.71
CA ASP A 287 22.20 15.52 -1.39
C ASP A 287 21.63 14.15 -1.79
N ASP A 288 20.58 13.71 -1.12
CA ASP A 288 20.00 12.40 -1.42
C ASP A 288 18.73 12.55 -2.27
N GLY A 289 18.54 13.73 -2.86
CA GLY A 289 17.57 13.89 -3.93
C GLY A 289 16.15 14.30 -3.56
N TRP A 290 16.02 15.13 -2.53
CA TRP A 290 14.70 15.63 -2.13
C TRP A 290 14.61 17.15 -2.22
N GLN A 291 13.43 17.63 -2.62
CA GLN A 291 13.17 19.07 -2.68
C GLN A 291 11.96 19.45 -1.83
N PHE A 292 12.10 20.51 -1.05
CA PHE A 292 11.01 21.03 -0.25
C PHE A 292 11.36 22.42 0.26
N GLN A 293 10.33 23.23 0.52
CA GLN A 293 10.53 24.58 1.05
C GLN A 293 10.91 24.57 2.52
N CYS A 294 11.92 25.37 2.85
CA CYS A 294 12.25 25.64 4.23
C CYS A 294 12.13 27.13 4.55
N LYS A 295 12.17 27.45 5.83
CA LYS A 295 12.00 28.82 6.29
C LYS A 295 12.74 29.05 7.58
N THR A 296 13.37 30.23 7.67
CA THR A 296 14.07 30.64 8.86
C THR A 296 13.25 31.72 9.55
N SER A 297 13.26 31.71 10.87
CA SER A 297 12.36 32.57 11.65
C SER A 297 12.78 32.59 13.11
N GLY A 298 12.12 33.45 13.89
CA GLY A 298 12.38 33.51 15.31
C GLY A 298 13.53 34.43 15.65
N ASP A 299 13.89 34.42 16.94
CA ASP A 299 14.99 35.21 17.46
C ASP A 299 16.27 34.90 16.69
N TYR A 300 16.92 35.94 16.17
CA TYR A 300 18.16 35.80 15.41
C TYR A 300 18.06 34.85 14.21
N SER A 301 16.84 34.63 13.72
CA SER A 301 16.59 33.77 12.56
C SER A 301 17.06 32.35 12.84
N LYS A 302 17.15 32.01 14.12
CA LYS A 302 17.71 30.74 14.57
C LYS A 302 16.97 29.48 14.09
N ASN A 303 15.64 29.55 14.00
CA ASN A 303 14.84 28.37 13.72
C ASN A 303 14.80 28.03 12.23
N PHE A 304 15.32 26.86 11.90
CA PHE A 304 15.36 26.37 10.52
C PHE A 304 14.33 25.25 10.42
N ARG A 305 13.34 25.45 9.56
CA ARG A 305 12.18 24.55 9.53
C ARG A 305 11.80 24.14 8.12
N SER A 306 11.32 22.91 7.95
CA SER A 306 10.55 22.56 6.77
C SER A 306 9.21 23.29 6.85
N GLU A 307 8.83 23.98 5.78
CA GLU A 307 7.69 24.89 5.80
C GLU A 307 6.31 24.22 5.60
N ASN A 308 6.18 23.29 4.66
CA ASN A 308 4.85 22.69 4.41
C ASN A 308 4.46 21.60 5.40
N ASP A 309 5.46 20.93 5.98
CA ASP A 309 5.21 19.80 6.87
C ASP A 309 6.21 19.87 8.02
N LEU A 310 5.71 19.90 9.25
CA LEU A 310 6.57 19.92 10.43
C LEU A 310 7.60 18.79 10.44
N LYS A 311 7.23 17.64 9.87
CA LYS A 311 7.99 16.41 10.04
C LYS A 311 9.07 16.15 8.99
N THR A 312 9.02 16.85 7.86
CA THR A 312 9.94 16.60 6.75
C THR A 312 11.41 16.63 7.17
N LEU A 313 11.79 17.68 7.88
CA LEU A 313 13.17 17.89 8.27
C LEU A 313 13.65 16.81 9.23
N GLY A 314 12.79 16.45 10.19
CA GLY A 314 13.07 15.38 11.13
C GLY A 314 13.12 14.01 10.49
N LYS A 315 12.24 13.75 9.53
CA LYS A 315 12.24 12.49 8.81
C LYS A 315 13.50 12.36 7.94
N TRP A 316 13.92 13.47 7.37
CA TRP A 316 15.13 13.49 6.59
C TRP A 316 16.33 13.14 7.47
N ILE A 317 16.49 13.85 8.58
CA ILE A 317 17.60 13.64 9.50
C ILE A 317 17.57 12.29 10.22
N LYS A 318 16.50 12.02 10.97
CA LYS A 318 16.40 10.75 11.69
C LYS A 318 16.26 9.55 10.75
N GLY A 319 15.52 9.72 9.65
CA GLY A 319 15.34 8.65 8.70
C GLY A 319 16.63 8.15 8.09
N ARG A 320 17.53 9.08 7.79
CA ARG A 320 18.86 8.73 7.27
C ARG A 320 19.68 7.99 8.33
N LEU A 321 19.67 8.49 9.56
CA LEU A 321 20.30 7.81 10.69
C LEU A 321 19.74 6.40 10.90
N GLU A 322 18.43 6.26 10.73
CA GLU A 322 17.77 4.97 10.92
C GLU A 322 18.12 4.00 9.81
N SER A 323 18.18 4.51 8.59
CA SER A 323 18.50 3.67 7.42
C SER A 323 19.94 3.15 7.44
N HIS A 324 20.85 3.95 7.99
CA HIS A 324 22.23 3.48 8.19
C HIS A 324 22.38 2.51 9.37
N GLY A 325 21.34 2.39 10.19
CA GLY A 325 21.39 1.55 11.38
C GLY A 325 22.05 2.23 12.57
N CYS A 326 22.19 3.55 12.50
CA CYS A 326 22.77 4.33 13.59
C CYS A 326 21.76 4.79 14.64
N LEU A 327 20.48 4.75 14.30
CA LEU A 327 19.42 5.16 15.24
C LEU A 327 18.24 4.18 15.20
N GLN A 328 17.72 3.81 16.36
CA GLN A 328 16.57 2.92 16.40
C GLN A 328 15.44 3.49 17.25
N ASN A 329 14.47 2.66 17.59
CA ASN A 329 13.25 3.14 18.23
C ASN A 329 13.56 3.78 19.58
N ASN A 330 12.86 4.88 19.87
CA ASN A 330 12.90 5.48 21.19
C ASN A 330 14.31 5.87 21.64
N GLU A 331 15.16 6.28 20.70
CA GLU A 331 16.57 6.53 21.01
C GLU A 331 16.98 7.98 20.82
N LYS A 332 17.75 8.50 21.77
CA LYS A 332 18.34 9.83 21.66
C LYS A 332 19.50 9.88 20.69
N ILE A 333 19.56 10.93 19.88
CA ILE A 333 20.76 11.21 19.11
C ILE A 333 21.87 11.72 20.03
N THR A 334 23.00 11.02 20.01
CA THR A 334 24.13 11.35 20.86
C THR A 334 25.33 11.70 20.01
N HIS A 335 26.43 12.02 20.69
CA HIS A 335 27.69 12.30 20.01
C HIS A 335 28.15 11.03 19.30
N GLU A 336 27.76 9.89 19.87
CA GLU A 336 28.07 8.58 19.32
C GLU A 336 27.27 8.22 18.07
N THR A 337 26.01 8.62 18.03
CA THR A 337 25.18 8.45 16.84
C THR A 337 25.83 9.10 15.63
N LEU A 338 26.24 10.34 15.82
CA LEU A 338 26.82 11.15 14.76
C LEU A 338 28.18 10.61 14.37
N ARG A 339 28.95 10.22 15.37
CA ARG A 339 30.24 9.57 15.18
C ARG A 339 30.16 8.30 14.33
N GLU A 340 29.23 7.41 14.66
CA GLU A 340 29.07 6.15 13.93
C GLU A 340 28.53 6.37 12.53
N TYR A 341 27.60 7.31 12.41
CA TYR A 341 27.09 7.74 11.11
C TYR A 341 28.18 8.29 10.21
N GLY A 342 29.09 9.08 10.77
CA GLY A 342 30.16 9.68 9.99
C GLY A 342 30.00 11.15 9.68
N ASN A 343 29.07 11.81 10.35
CA ASN A 343 28.87 13.24 10.15
C ASN A 343 28.15 13.86 11.34
N ASP A 344 28.59 15.04 11.73
CA ASP A 344 27.98 15.75 12.87
C ASP A 344 27.54 17.16 12.51
N HIS A 345 27.45 17.45 11.22
CA HIS A 345 27.03 18.76 10.75
C HIS A 345 26.11 18.66 9.54
N PHE A 346 25.25 19.65 9.37
CA PHE A 346 24.46 19.78 8.17
C PHE A 346 25.09 20.86 7.33
N GLU A 347 25.36 20.54 6.06
CA GLU A 347 25.96 21.52 5.17
C GLU A 347 24.89 22.28 4.39
N LEU A 348 24.88 23.60 4.57
CA LEU A 348 23.93 24.47 3.86
C LEU A 348 24.72 25.42 2.97
N ARG A 349 24.60 25.24 1.66
CA ARG A 349 25.31 26.12 0.74
C ARG A 349 24.44 26.60 -0.43
N SER A 350 24.82 27.76 -0.95
CA SER A 350 24.05 28.50 -1.95
C SER A 350 24.14 27.94 -3.36
N THR A 351 23.22 28.38 -4.21
CA THR A 351 23.28 28.14 -5.64
C THR A 351 23.26 29.51 -6.33
N ASP A 352 23.30 29.53 -7.66
CA ASP A 352 23.29 30.79 -8.39
C ASP A 352 21.92 31.44 -8.28
N ASN A 353 20.97 30.67 -7.76
CA ASN A 353 19.65 31.17 -7.40
C ASN A 353 19.61 31.47 -5.88
N PRO A 354 19.34 32.74 -5.51
CA PRO A 354 19.31 33.09 -4.08
C PRO A 354 18.17 32.46 -3.30
N ASP A 355 17.24 31.81 -4.00
CA ASP A 355 16.09 31.19 -3.34
C ASP A 355 16.17 29.66 -3.34
N VAL A 356 17.25 29.13 -3.90
CA VAL A 356 17.48 27.69 -3.88
C VAL A 356 18.77 27.39 -3.13
N TRP A 357 18.69 26.56 -2.11
CA TRP A 357 19.86 26.18 -1.32
C TRP A 357 20.08 24.68 -1.35
N LEU A 358 21.32 24.25 -1.12
CA LEU A 358 21.66 22.84 -1.02
C LEU A 358 21.92 22.43 0.44
N LEU A 359 21.33 21.31 0.83
CA LEU A 359 21.43 20.83 2.20
C LEU A 359 21.91 19.38 2.21
N SER A 360 22.99 19.10 2.93
CA SER A 360 23.57 17.76 2.91
C SER A 360 23.80 17.19 4.32
N PHE A 361 23.62 15.88 4.44
CA PHE A 361 23.89 15.16 5.69
C PHE A 361 24.37 13.76 5.33
N LYS A 362 25.47 13.74 4.60
CA LYS A 362 26.09 12.53 4.09
C LYS A 362 26.76 11.72 5.19
N GLY A 363 26.54 10.41 5.19
CA GLY A 363 27.20 9.54 6.15
C GLY A 363 28.49 8.96 5.57
N LYS A 364 29.24 8.27 6.42
CA LYS A 364 30.52 7.70 6.02
C LYS A 364 30.33 6.61 4.98
N ASN A 365 29.20 5.90 5.08
CA ASN A 365 28.80 4.86 4.13
C ASN A 365 29.85 3.76 4.06
N SER B 19 -31.31 -3.91 9.70
CA SER B 19 -30.84 -2.54 9.67
C SER B 19 -30.37 -2.12 8.27
N HIS B 20 -30.07 -0.84 8.11
CA HIS B 20 -29.54 -0.32 6.86
C HIS B 20 -28.04 -0.62 6.67
N MET B 21 -27.44 -1.36 7.61
CA MET B 21 -26.02 -1.71 7.56
C MET B 21 -25.70 -3.15 7.80
N ASN B 22 -24.82 -3.68 6.96
CA ASN B 22 -24.26 -4.97 7.28
C ASN B 22 -22.78 -4.96 7.01
N THR B 23 -22.01 -5.51 7.97
CA THR B 23 -20.61 -5.76 7.73
C THR B 23 -20.54 -6.88 6.70
N VAL B 24 -19.59 -6.76 5.78
CA VAL B 24 -19.38 -7.75 4.76
C VAL B 24 -17.88 -7.93 4.63
N PHE B 25 -17.39 -9.07 5.10
CA PHE B 25 -15.95 -9.35 5.07
C PHE B 25 -15.65 -10.39 4.01
N SER B 26 -14.36 -10.60 3.76
CA SER B 26 -13.90 -11.61 2.81
C SER B 26 -14.25 -13.04 3.23
N ASN B 27 -14.17 -13.32 4.54
CA ASN B 27 -14.58 -14.61 5.11
C ASN B 27 -13.69 -15.79 4.69
N ILE B 28 -12.46 -15.48 4.31
CA ILE B 28 -11.46 -16.49 3.98
C ILE B 28 -10.61 -16.82 5.20
N ALA B 29 -9.69 -17.76 5.03
CA ALA B 29 -8.74 -18.14 6.08
C ALA B 29 -9.45 -18.66 7.33
N ASN B 30 -10.52 -19.41 7.12
CA ASN B 30 -11.34 -19.95 8.20
C ASN B 30 -11.81 -18.94 9.22
N ALA B 31 -12.07 -17.72 8.76
CA ALA B 31 -12.58 -16.66 9.61
C ALA B 31 -13.85 -16.13 9.00
N LYS B 32 -14.86 -16.99 8.98
CA LYS B 32 -16.14 -16.58 8.43
C LYS B 32 -16.93 -15.86 9.52
N ILE B 33 -16.99 -14.54 9.38
CA ILE B 33 -17.53 -13.69 10.42
C ILE B 33 -18.85 -13.04 10.00
N THR B 34 -18.95 -12.67 8.73
CA THR B 34 -20.14 -11.99 8.25
C THR B 34 -21.01 -12.97 7.49
N GLU B 35 -22.31 -12.68 7.45
CA GLU B 35 -23.29 -13.50 6.78
C GLU B 35 -22.93 -13.69 5.30
N LYS B 36 -22.70 -12.57 4.62
CA LYS B 36 -22.33 -12.60 3.20
C LYS B 36 -20.85 -12.24 3.02
N SER B 37 -20.23 -12.74 1.94
CA SER B 37 -18.80 -12.48 1.69
C SER B 37 -18.60 -11.41 0.61
N LEU B 38 -17.49 -10.67 0.73
CA LEU B 38 -17.26 -9.47 -0.09
C LEU B 38 -17.39 -9.63 -1.60
N ASN B 39 -16.57 -10.48 -2.23
CA ASN B 39 -16.61 -10.59 -3.68
C ASN B 39 -18.00 -10.94 -4.22
N ALA B 40 -18.71 -11.82 -3.51
CA ALA B 40 -20.04 -12.22 -3.94
C ALA B 40 -21.03 -11.05 -3.83
N VAL B 41 -20.93 -10.26 -2.77
CA VAL B 41 -21.82 -9.10 -2.59
C VAL B 41 -21.55 -8.04 -3.65
N TRP B 42 -20.26 -7.76 -3.88
CA TRP B 42 -19.87 -6.74 -4.85
C TRP B 42 -20.38 -7.08 -6.25
N MET B 43 -20.12 -8.32 -6.68
CA MET B 43 -20.62 -8.80 -7.96
C MET B 43 -22.15 -8.79 -8.08
N ASP B 44 -22.83 -9.26 -7.04
CA ASP B 44 -24.30 -9.21 -7.00
C ASP B 44 -24.81 -7.78 -7.24
N LEU B 45 -24.31 -6.82 -6.48
CA LEU B 45 -24.69 -5.41 -6.65
C LEU B 45 -24.26 -4.87 -8.01
N PHE B 46 -23.06 -5.26 -8.46
CA PHE B 46 -22.58 -4.80 -9.76
C PHE B 46 -23.48 -5.32 -10.87
N LYS B 47 -23.88 -6.58 -10.75
CA LYS B 47 -24.69 -7.24 -11.77
C LYS B 47 -26.11 -6.65 -11.89
N SER B 48 -26.65 -6.20 -10.78
CA SER B 48 -27.99 -5.64 -10.74
C SER B 48 -28.06 -4.18 -11.13
N ALA B 49 -26.91 -3.53 -11.26
CA ALA B 49 -26.86 -2.08 -11.37
C ALA B 49 -26.98 -1.57 -12.81
N ASP B 50 -27.44 -0.33 -12.94
CA ASP B 50 -27.42 0.36 -14.21
C ASP B 50 -26.52 1.59 -14.10
N GLU B 51 -26.13 1.90 -12.86
CA GLU B 51 -25.13 2.94 -12.59
C GLU B 51 -24.20 2.58 -11.43
N VAL B 52 -22.91 2.82 -11.61
CA VAL B 52 -21.92 2.53 -10.57
C VAL B 52 -21.00 3.71 -10.33
N LEU B 53 -20.75 4.00 -9.06
CA LEU B 53 -19.75 4.98 -8.69
C LEU B 53 -18.63 4.24 -7.98
N MET B 54 -17.39 4.45 -8.43
CA MET B 54 -16.28 3.79 -7.79
C MET B 54 -15.17 4.75 -7.41
N ALA B 55 -14.73 4.66 -6.16
CA ALA B 55 -13.57 5.43 -5.71
C ALA B 55 -12.58 4.48 -5.04
N THR B 56 -11.36 4.47 -5.55
CA THR B 56 -10.34 3.56 -5.04
C THR B 56 -9.02 4.28 -4.84
N GLY B 57 -8.21 3.79 -3.93
CA GLY B 57 -6.84 4.24 -3.81
C GLY B 57 -5.98 3.72 -4.95
N TYR B 58 -6.02 2.41 -5.12
CA TYR B 58 -5.17 1.74 -6.09
C TYR B 58 -5.95 0.89 -7.06
N VAL B 59 -5.32 0.56 -8.19
CA VAL B 59 -5.85 -0.38 -9.15
C VAL B 59 -4.68 -1.18 -9.72
N SER B 60 -4.98 -2.34 -10.29
CA SER B 60 -3.98 -3.08 -11.04
C SER B 60 -4.37 -3.08 -12.51
N ASN B 61 -3.40 -3.31 -13.38
CA ASN B 61 -3.63 -3.34 -14.82
C ASN B 61 -4.69 -4.36 -15.24
N ASP B 62 -4.66 -5.56 -14.67
CA ASP B 62 -5.63 -6.59 -15.08
C ASP B 62 -7.05 -6.28 -14.60
N ALA B 63 -7.19 -5.74 -13.38
CA ALA B 63 -8.50 -5.31 -12.90
C ALA B 63 -9.16 -4.30 -13.85
N VAL B 64 -8.39 -3.33 -14.32
CA VAL B 64 -8.93 -2.31 -15.24
C VAL B 64 -9.28 -2.88 -16.60
N VAL B 65 -8.36 -3.65 -17.18
CA VAL B 65 -8.56 -4.25 -18.49
C VAL B 65 -9.77 -5.18 -18.48
N GLU B 66 -9.90 -5.97 -17.42
CA GLU B 66 -11.03 -6.88 -17.28
C GLU B 66 -12.36 -6.16 -16.99
N LEU B 67 -12.33 -5.09 -16.20
CA LEU B 67 -13.52 -4.26 -16.02
C LEU B 67 -13.97 -3.70 -17.36
N HIS B 68 -13.00 -3.25 -18.13
CA HIS B 68 -13.20 -2.72 -19.47
C HIS B 68 -13.87 -3.77 -20.36
N LYS B 69 -13.33 -4.98 -20.36
CA LYS B 69 -13.93 -6.09 -21.10
C LYS B 69 -15.35 -6.38 -20.63
N ILE B 70 -15.56 -6.35 -19.32
CA ILE B 70 -16.88 -6.57 -18.74
C ILE B 70 -17.91 -5.54 -19.24
N LEU B 71 -17.50 -4.29 -19.36
CA LEU B 71 -18.40 -3.26 -19.85
C LEU B 71 -18.60 -3.38 -21.36
N GLU B 72 -17.58 -3.88 -22.06
CA GLU B 72 -17.71 -4.17 -23.49
C GLU B 72 -18.76 -5.25 -23.73
N LEU B 73 -18.73 -6.29 -22.90
CA LEU B 73 -19.48 -7.52 -23.13
C LEU B 73 -20.91 -7.45 -22.60
N ASN B 74 -21.15 -6.53 -21.67
CA ASN B 74 -22.45 -6.43 -20.99
C ASN B 74 -22.95 -4.99 -21.06
N ASP B 75 -24.22 -4.82 -21.40
CA ASP B 75 -24.76 -3.48 -21.62
C ASP B 75 -25.47 -2.86 -20.42
N HIS B 76 -25.65 -3.65 -19.36
CA HIS B 76 -26.42 -3.23 -18.19
C HIS B 76 -25.94 -1.94 -17.51
N ILE B 77 -24.63 -1.69 -17.45
CA ILE B 77 -24.17 -0.43 -16.86
C ILE B 77 -24.29 0.73 -17.85
N GLN B 78 -25.19 1.67 -17.53
CA GLN B 78 -25.45 2.83 -18.38
C GLN B 78 -24.44 3.93 -18.10
N LYS B 79 -24.02 3.99 -16.85
CA LYS B 79 -23.09 5.00 -16.39
C LYS B 79 -22.13 4.48 -15.32
N ILE B 80 -20.84 4.74 -15.50
CA ILE B 80 -19.84 4.42 -14.49
C ILE B 80 -18.83 5.54 -14.34
N ASP B 81 -18.60 5.97 -13.10
CA ASP B 81 -17.54 6.93 -12.83
C ASP B 81 -16.52 6.22 -11.95
N LEU B 82 -15.25 6.32 -12.33
CA LEU B 82 -14.19 5.63 -11.60
C LEU B 82 -13.13 6.65 -11.20
N LEU B 83 -12.98 6.86 -9.91
CA LEU B 83 -11.89 7.67 -9.38
C LEU B 83 -10.74 6.80 -8.89
N VAL B 84 -9.56 7.01 -9.48
CA VAL B 84 -8.33 6.37 -9.04
C VAL B 84 -7.50 7.40 -8.28
N GLY B 85 -7.38 7.21 -6.96
CA GLY B 85 -6.93 8.27 -6.08
C GLY B 85 -5.45 8.46 -5.79
N MET B 86 -4.69 7.37 -5.74
CA MET B 86 -3.31 7.44 -5.26
C MET B 86 -2.27 7.59 -6.38
N HIS B 87 -2.54 7.00 -7.53
CA HIS B 87 -1.48 6.77 -8.52
C HIS B 87 -0.90 8.01 -9.21
N TYR B 88 -1.74 9.00 -9.51
CA TYR B 88 -1.22 10.18 -10.22
C TYR B 88 -0.07 10.86 -9.48
N LEU B 89 -0.24 11.10 -8.18
CA LEU B 89 0.80 11.72 -7.37
C LEU B 89 1.85 10.73 -6.86
N GLU B 90 1.43 9.52 -6.50
CA GLU B 90 2.34 8.53 -5.96
C GLU B 90 3.11 7.73 -7.02
N GLY B 91 2.50 7.55 -8.19
CA GLY B 91 3.13 6.79 -9.27
C GLY B 91 2.25 5.82 -10.05
N PHE B 92 2.35 5.92 -11.37
CA PHE B 92 1.68 5.03 -12.32
C PHE B 92 2.71 4.11 -12.95
N SER B 93 2.37 2.85 -13.22
CA SER B 93 3.10 2.10 -14.23
C SER B 93 2.50 2.48 -15.58
N HIS B 94 3.24 2.27 -16.67
CA HIS B 94 2.68 2.53 -17.99
C HIS B 94 1.43 1.68 -18.24
N LEU B 95 1.46 0.44 -17.78
CA LEU B 95 0.33 -0.45 -18.00
C LEU B 95 -0.93 0.00 -17.24
N GLN B 96 -0.78 0.40 -15.97
CA GLN B 96 -1.91 0.96 -15.24
C GLN B 96 -2.45 2.21 -15.92
N TYR B 97 -1.56 3.14 -16.25
CA TYR B 97 -1.95 4.38 -16.88
C TYR B 97 -2.63 4.15 -18.22
N ASP B 98 -1.99 3.34 -19.08
CA ASP B 98 -2.54 3.01 -20.37
C ASP B 98 -3.90 2.30 -20.28
N SER B 99 -4.05 1.36 -19.36
CA SER B 99 -5.33 0.66 -19.22
C SER B 99 -6.47 1.61 -18.86
N LEU B 100 -6.18 2.57 -17.99
CA LEU B 100 -7.21 3.51 -17.56
C LEU B 100 -7.58 4.46 -18.69
N CME B 101 -6.58 4.86 -19.47
CA CME B 101 -6.79 5.76 -20.57
CB CME B 101 -5.52 6.23 -21.28
SG CME B 101 -4.51 7.28 -20.28
SD CME B 101 -5.41 9.18 -20.39
CE CME B 101 -4.88 9.94 -21.88
CZ CME B 101 -5.87 9.71 -23.00
OH CME B 101 -6.80 10.78 -22.99
C CME B 101 -7.68 5.10 -21.62
O CME B 101 -8.61 5.69 -22.18
N LYS B 102 -7.39 3.83 -21.87
CA LYS B 102 -8.14 3.04 -22.86
C LYS B 102 -9.58 2.83 -22.41
N LEU B 103 -9.78 2.60 -21.11
CA LEU B 103 -11.12 2.49 -20.54
C LEU B 103 -11.87 3.81 -20.70
N ASN B 104 -11.22 4.91 -20.35
CA ASN B 104 -11.80 6.24 -20.49
C ASN B 104 -12.19 6.50 -21.95
N ASP B 105 -11.31 6.13 -22.88
CA ASP B 105 -11.58 6.26 -24.31
C ASP B 105 -12.89 5.60 -24.70
N PHE B 106 -13.04 4.35 -24.25
CA PHE B 106 -14.24 3.56 -24.45
C PHE B 106 -15.47 4.22 -23.83
N LEU B 107 -15.38 4.59 -22.56
CA LEU B 107 -16.49 5.24 -21.88
C LEU B 107 -16.88 6.55 -22.55
N ARG B 108 -15.90 7.32 -22.97
CA ARG B 108 -16.15 8.59 -23.66
C ARG B 108 -16.93 8.36 -24.96
N HIS B 109 -16.46 7.41 -25.75
CA HIS B 109 -17.06 7.06 -27.04
C HIS B 109 -18.47 6.46 -26.93
N GLU B 110 -18.77 5.84 -25.80
CA GLU B 110 -20.05 5.17 -25.61
C GLU B 110 -20.96 6.05 -24.76
N LYS B 111 -20.43 7.16 -24.28
CA LYS B 111 -21.14 8.08 -23.40
C LYS B 111 -21.65 7.33 -22.17
N ARG B 112 -20.80 6.46 -21.62
CA ARG B 112 -21.16 5.64 -20.47
C ARG B 112 -20.35 6.00 -19.22
N GLY B 113 -19.68 7.14 -19.24
CA GLY B 113 -19.08 7.68 -18.03
C GLY B 113 -17.63 8.11 -18.20
N ALA B 114 -16.81 7.91 -17.16
CA ALA B 114 -15.46 8.50 -17.18
C ALA B 114 -14.52 7.95 -16.11
N VAL B 115 -13.24 8.09 -16.36
CA VAL B 115 -12.17 7.72 -15.43
C VAL B 115 -11.51 8.97 -14.89
N TYR B 116 -11.43 9.08 -13.56
CA TYR B 116 -10.79 10.24 -12.94
C TYR B 116 -9.53 9.86 -12.18
N VAL B 117 -8.54 10.76 -12.21
CA VAL B 117 -7.42 10.70 -11.28
C VAL B 117 -7.52 11.84 -10.27
N SER B 118 -6.60 11.84 -9.30
CA SER B 118 -6.59 12.83 -8.23
C SER B 118 -5.31 13.64 -8.24
N PRO B 119 -5.31 14.75 -8.99
CA PRO B 119 -4.07 15.53 -9.15
C PRO B 119 -3.74 16.41 -7.94
N PHE B 120 -4.72 16.70 -7.09
CA PHE B 120 -4.50 17.64 -5.99
C PHE B 120 -4.22 17.01 -4.63
N VAL B 121 -4.43 15.71 -4.51
CA VAL B 121 -4.25 15.05 -3.22
C VAL B 121 -4.13 13.55 -3.42
N LYS B 122 -3.42 12.88 -2.51
CA LYS B 122 -3.35 11.43 -2.55
C LYS B 122 -4.60 10.88 -1.91
N PHE B 123 -5.55 10.49 -2.76
CA PHE B 123 -6.83 10.00 -2.28
C PHE B 123 -6.75 8.50 -2.07
N HIS B 124 -7.08 8.07 -0.86
CA HIS B 124 -6.88 6.69 -0.46
C HIS B 124 -8.19 5.93 -0.14
N GLY B 125 -9.32 6.60 -0.26
CA GLY B 125 -10.60 5.98 0.07
C GLY B 125 -11.01 4.82 -0.82
N LYS B 126 -11.79 3.90 -0.27
CA LYS B 126 -12.37 2.80 -1.04
C LYS B 126 -13.89 2.80 -0.86
N MET B 127 -14.61 3.22 -1.91
CA MET B 127 -16.04 3.44 -1.82
C MET B 127 -16.73 3.04 -3.10
N TYR B 128 -17.86 2.36 -2.98
CA TYR B 128 -18.60 1.92 -4.15
C TYR B 128 -20.10 2.16 -3.95
N SER B 129 -20.73 2.72 -4.97
CA SER B 129 -22.16 2.95 -4.94
C SER B 129 -22.80 2.31 -6.17
N PHE B 130 -23.91 1.60 -5.94
CA PHE B 130 -24.59 0.88 -7.00
C PHE B 130 -26.04 1.33 -7.13
N LYS B 131 -26.44 1.73 -8.32
CA LYS B 131 -27.81 2.15 -8.52
C LYS B 131 -28.57 1.19 -9.41
N ASN B 132 -29.69 0.72 -8.91
CA ASN B 132 -30.58 -0.17 -9.64
C ASN B 132 -31.94 0.54 -9.76
N TYR B 133 -32.28 1.06 -10.94
CA TYR B 133 -33.47 1.88 -11.03
C TYR B 133 -33.27 3.05 -10.07
N GLN B 134 -34.06 3.11 -9.01
CA GLN B 134 -33.91 4.12 -7.97
C GLN B 134 -33.43 3.56 -6.62
N LYS B 135 -32.98 2.32 -6.60
CA LYS B 135 -32.51 1.69 -5.37
C LYS B 135 -30.98 1.81 -5.27
N ILE B 136 -30.49 2.29 -4.14
CA ILE B 136 -29.06 2.53 -3.97
C ILE B 136 -28.44 1.57 -2.96
N ASN B 137 -27.30 0.99 -3.32
CA ASN B 137 -26.51 0.16 -2.40
C ASN B 137 -25.08 0.66 -2.35
N GLY B 138 -24.49 0.70 -1.16
CA GLY B 138 -23.11 1.15 -1.02
C GLY B 138 -22.16 0.27 -0.23
N LEU B 139 -20.88 0.33 -0.59
CA LEU B 139 -19.83 -0.32 0.18
C LEU B 139 -18.69 0.66 0.49
N ILE B 140 -18.20 0.58 1.71
CA ILE B 140 -17.12 1.44 2.16
C ILE B 140 -16.26 0.66 3.15
N GLY B 141 -14.95 0.70 2.92
CA GLY B 141 -14.02 -0.02 3.76
C GLY B 141 -12.61 -0.01 3.19
N SER B 142 -11.99 -1.19 3.19
CA SER B 142 -10.57 -1.35 2.92
C SER B 142 -10.19 -1.75 1.48
N ALA B 143 -11.15 -2.26 0.71
CA ALA B 143 -10.84 -2.96 -0.54
C ALA B 143 -10.71 -2.05 -1.75
N ASN B 144 -9.50 -2.01 -2.27
CA ASN B 144 -9.23 -1.34 -3.53
C ASN B 144 -9.88 -2.12 -4.66
N LEU B 145 -9.99 -1.50 -5.83
CA LEU B 145 -10.57 -2.19 -6.98
C LEU B 145 -9.69 -3.34 -7.43
N THR B 146 -10.24 -4.55 -7.35
CA THR B 146 -9.59 -5.75 -7.85
C THR B 146 -10.52 -6.46 -8.81
N CYS B 147 -10.10 -7.65 -9.22
CA CYS B 147 -10.99 -8.53 -9.96
C CYS B 147 -11.96 -9.17 -8.98
N PHE B 148 -12.97 -8.40 -8.59
CA PHE B 148 -14.00 -8.91 -7.69
C PHE B 148 -14.74 -10.07 -8.34
N TRP B 149 -14.68 -10.10 -9.66
CA TRP B 149 -15.22 -11.20 -10.46
C TRP B 149 -14.35 -12.45 -10.47
N ASP B 150 -13.23 -12.41 -9.76
CA ASP B 150 -12.48 -13.63 -9.47
C ASP B 150 -12.88 -14.05 -8.06
N SER B 151 -13.47 -15.23 -7.94
CA SER B 151 -14.07 -15.66 -6.67
C SER B 151 -13.04 -15.94 -5.58
N THR B 152 -11.77 -16.01 -5.97
CA THR B 152 -10.70 -16.23 -4.99
C THR B 152 -10.24 -14.91 -4.39
N GLU B 153 -10.45 -14.73 -3.10
CA GLU B 153 -9.88 -13.56 -2.42
C GLU B 153 -8.53 -13.91 -1.81
N ARG B 154 -7.59 -12.99 -1.97
CA ARG B 154 -6.20 -13.23 -1.64
C ARG B 154 -5.81 -12.41 -0.42
N THR B 155 -6.62 -11.41 -0.12
CA THR B 155 -6.47 -10.63 1.10
C THR B 155 -7.78 -10.64 1.88
N TYR B 156 -7.70 -10.52 3.20
CA TYR B 156 -8.92 -10.44 4.00
C TYR B 156 -9.31 -8.97 4.10
N GLU B 157 -10.41 -8.60 3.47
CA GLU B 157 -10.89 -7.22 3.47
C GLU B 157 -12.14 -7.05 4.32
N THR B 158 -12.42 -5.81 4.70
CA THR B 158 -13.58 -5.51 5.55
C THR B 158 -14.38 -4.34 4.98
N MET B 159 -15.66 -4.56 4.68
CA MET B 159 -16.53 -3.49 4.18
C MET B 159 -17.74 -3.31 5.06
N LEU B 160 -18.42 -2.21 4.84
CA LEU B 160 -19.71 -1.98 5.44
C LEU B 160 -20.69 -1.70 4.32
N HIS B 161 -21.74 -2.52 4.27
CA HIS B 161 -22.79 -2.39 3.28
C HIS B 161 -23.91 -1.48 3.74
N LEU B 162 -24.30 -0.54 2.88
CA LEU B 162 -25.38 0.38 3.19
C LEU B 162 -26.52 0.19 2.18
N ASN B 163 -27.76 0.27 2.66
CA ASN B 163 -28.90 0.43 1.78
C ASN B 163 -29.82 1.53 2.31
N GLY B 164 -30.87 1.84 1.57
CA GLY B 164 -31.82 2.87 1.99
C GLY B 164 -31.22 4.25 2.04
N LYS B 165 -31.66 5.06 2.99
CA LYS B 165 -31.26 6.47 3.06
C LYS B 165 -29.76 6.69 3.31
N PRO B 166 -29.13 5.89 4.18
CA PRO B 166 -27.67 5.94 4.33
C PRO B 166 -26.87 5.66 3.06
N ALA B 167 -27.33 4.73 2.23
CA ALA B 167 -26.71 4.51 0.93
C ALA B 167 -26.84 5.74 0.05
N GLN B 168 -27.97 6.44 0.16
CA GLN B 168 -28.22 7.65 -0.61
C GLN B 168 -27.22 8.73 -0.23
N ILE B 169 -26.96 8.81 1.07
CA ILE B 169 -26.01 9.77 1.61
C ILE B 169 -24.58 9.49 1.16
N LEU B 170 -24.17 8.22 1.26
CA LEU B 170 -22.85 7.82 0.77
C LEU B 170 -22.67 8.12 -0.71
N GLN B 171 -23.70 7.82 -1.50
CA GLN B 171 -23.68 8.12 -2.92
C GLN B 171 -23.42 9.60 -3.20
N ALA B 172 -24.10 10.46 -2.47
CA ALA B 172 -23.93 11.90 -2.63
C ALA B 172 -22.52 12.33 -2.24
N ASP B 173 -21.97 11.70 -1.20
CA ASP B 173 -20.61 11.98 -0.78
C ASP B 173 -19.56 11.45 -1.74
N ILE B 174 -19.82 10.32 -2.37
CA ILE B 174 -18.94 9.83 -3.43
C ILE B 174 -18.97 10.79 -4.62
N GLN B 175 -20.17 11.23 -4.99
CA GLN B 175 -20.33 12.22 -6.07
C GLN B 175 -19.51 13.49 -5.80
N SER B 176 -19.60 13.99 -4.57
CA SER B 176 -18.84 15.16 -4.15
C SER B 176 -17.33 14.94 -4.24
N THR B 177 -16.88 13.77 -3.80
CA THR B 177 -15.47 13.38 -3.88
C THR B 177 -14.95 13.47 -5.30
N ILE B 178 -15.69 12.89 -6.24
CA ILE B 178 -15.36 12.94 -7.66
C ILE B 178 -15.33 14.38 -8.20
N HIS B 179 -16.32 15.16 -7.80
CA HIS B 179 -16.45 16.55 -8.23
C HIS B 179 -15.34 17.46 -7.68
N LYS B 180 -15.01 17.30 -6.40
CA LYS B 180 -14.00 18.13 -5.75
C LYS B 180 -12.55 17.68 -5.96
N LEU B 181 -12.32 16.37 -6.03
CA LEU B 181 -10.96 15.85 -6.14
C LEU B 181 -10.62 15.36 -7.53
N GLY B 182 -11.63 14.90 -8.26
CA GLY B 182 -11.40 14.23 -9.52
C GLY B 182 -11.19 15.11 -10.72
N LYS B 183 -10.26 14.69 -11.56
CA LYS B 183 -10.04 15.30 -12.87
C LYS B 183 -9.99 14.18 -13.90
N ASN B 184 -10.74 14.34 -14.98
CA ASN B 184 -10.73 13.38 -16.08
C ASN B 184 -9.31 13.05 -16.52
N ILE B 185 -9.00 11.76 -16.64
CA ILE B 185 -7.64 11.33 -16.97
C ILE B 185 -7.23 11.84 -18.36
N GLN B 186 -8.22 12.02 -19.23
CA GLN B 186 -8.03 12.68 -20.53
C GLN B 186 -7.46 14.09 -20.40
N GLU B 187 -7.79 14.76 -19.30
CA GLU B 187 -7.47 16.16 -19.12
C GLU B 187 -6.24 16.49 -18.30
N VAL B 188 -5.43 15.50 -17.95
CA VAL B 188 -4.30 15.78 -17.10
C VAL B 188 -3.05 15.54 -17.90
N GLU B 189 -1.98 16.19 -17.49
CA GLU B 189 -0.73 15.99 -18.17
C GLU B 189 -0.29 14.55 -17.95
N ARG B 190 0.19 13.96 -19.03
CA ARG B 190 0.75 12.62 -19.02
C ARG B 190 1.89 12.60 -18.02
N PRO B 191 1.91 11.56 -17.16
CA PRO B 191 2.93 11.47 -16.11
C PRO B 191 4.34 11.51 -16.67
N SER B 192 5.20 12.28 -16.01
CA SER B 192 6.58 12.49 -16.45
C SER B 192 7.40 11.22 -16.37
N LYS B 193 7.31 10.53 -15.24
CA LYS B 193 7.97 9.25 -15.08
C LYS B 193 6.97 8.20 -14.64
N PHE B 194 7.20 6.97 -15.10
CA PHE B 194 6.37 5.85 -14.68
C PHE B 194 7.20 5.03 -13.71
N ILE B 195 6.53 4.44 -12.73
CA ILE B 195 7.16 3.43 -11.89
C ILE B 195 7.19 2.14 -12.68
N GLU B 196 8.16 1.28 -12.35
CA GLU B 196 8.35 0.04 -13.07
C GLU B 196 7.15 -0.87 -12.82
N HIS B 197 6.77 -1.67 -13.81
CA HIS B 197 5.67 -2.62 -13.66
C HIS B 197 6.05 -3.67 -12.61
N ASN B 198 5.17 -3.87 -11.64
CA ASN B 198 5.39 -4.90 -10.61
C ASN B 198 4.22 -5.86 -10.67
N SER B 199 4.48 -7.11 -11.05
CA SER B 199 3.41 -8.09 -11.14
C SER B 199 2.94 -8.55 -9.77
N HIS B 200 3.74 -8.29 -8.74
CA HIS B 200 3.42 -8.74 -7.38
C HIS B 200 3.01 -10.21 -7.32
N LEU B 201 3.91 -11.10 -7.75
CA LEU B 201 3.67 -12.54 -7.64
C LEU B 201 3.51 -12.99 -6.18
N GLU B 202 4.13 -12.26 -5.25
CA GLU B 202 4.02 -12.60 -3.84
C GLU B 202 2.57 -12.52 -3.30
N ASN B 203 1.70 -11.82 -4.00
CA ASN B 203 0.29 -11.76 -3.58
C ASN B 203 -0.56 -12.90 -4.15
N CME B 204 0.07 -13.80 -4.91
CA CME B 204 -0.60 -14.99 -5.36
CB CME B 204 0.04 -15.73 -6.56
SG CME B 204 0.14 -14.80 -8.05
SD CME B 204 -1.82 -14.52 -8.68
CE CME B 204 -2.27 -12.92 -8.07
CZ CME B 204 -3.55 -12.38 -8.67
OH CME B 204 -3.33 -12.28 -10.07
C CME B 204 -0.57 -15.95 -4.17
O CME B 204 0.37 -15.98 -3.38
N LEU B 205 -1.62 -16.74 -4.05
CA LEU B 205 -1.68 -17.73 -2.98
C LEU B 205 -0.67 -18.84 -3.21
N GLY B 206 0.12 -19.14 -2.18
CA GLY B 206 1.05 -20.25 -2.19
C GLY B 206 2.39 -19.93 -2.82
N VAL B 207 2.78 -18.66 -2.80
CA VAL B 207 4.03 -18.22 -3.39
C VAL B 207 5.03 -17.75 -2.33
N GLN B 208 6.25 -18.28 -2.39
CA GLN B 208 7.32 -17.79 -1.52
C GLN B 208 8.46 -17.22 -2.37
N LYS B 209 9.18 -16.27 -1.78
CA LYS B 209 10.34 -15.64 -2.41
C LYS B 209 11.66 -16.28 -1.93
N ILE B 210 12.55 -16.59 -2.88
CA ILE B 210 13.87 -17.16 -2.55
C ILE B 210 14.94 -16.13 -2.92
N ALA B 211 15.82 -15.80 -1.98
CA ALA B 211 16.92 -14.84 -2.20
C ALA B 211 17.84 -15.20 -3.38
N PRO B 212 18.34 -14.17 -4.09
CA PRO B 212 19.19 -14.37 -5.28
C PRO B 212 20.41 -15.26 -5.00
N GLU B 213 20.86 -15.30 -3.75
CA GLU B 213 22.05 -16.05 -3.40
C GLU B 213 21.76 -17.55 -3.32
N GLN B 214 20.68 -17.92 -2.64
CA GLN B 214 20.21 -19.31 -2.64
C GLN B 214 19.90 -19.80 -4.05
N ILE B 215 19.27 -18.95 -4.86
CA ILE B 215 18.90 -19.32 -6.22
C ILE B 215 20.13 -19.62 -7.05
N ARG B 216 21.13 -18.75 -6.93
CA ARG B 216 22.39 -18.94 -7.65
C ARG B 216 22.99 -20.31 -7.32
N GLN B 217 23.02 -20.67 -6.03
CA GLN B 217 23.61 -21.95 -5.64
C GLN B 217 22.76 -23.11 -6.11
N LEU B 218 21.44 -22.95 -6.05
CA LEU B 218 20.53 -24.02 -6.44
C LEU B 218 20.57 -24.33 -7.92
N PHE B 219 20.72 -23.30 -8.75
CA PHE B 219 20.73 -23.48 -10.20
C PHE B 219 22.11 -23.87 -10.74
N ALA B 220 23.13 -23.74 -9.91
CA ALA B 220 24.47 -24.20 -10.25
C ALA B 220 24.52 -25.71 -10.50
N GLN B 221 23.68 -26.47 -9.80
CA GLN B 221 23.68 -27.92 -9.96
C GLN B 221 23.32 -28.33 -11.39
N THR B 222 23.77 -29.51 -11.78
CA THR B 222 23.42 -30.08 -13.08
C THR B 222 22.24 -31.03 -12.93
N SER B 223 21.32 -30.99 -13.88
CA SER B 223 20.11 -31.81 -13.80
C SER B 223 20.21 -33.10 -14.63
N GLU B 224 19.79 -34.20 -14.02
CA GLU B 224 19.58 -35.47 -14.74
C GLU B 224 18.53 -35.33 -15.85
N TYR B 225 17.42 -34.65 -15.55
CA TYR B 225 16.36 -34.47 -16.54
C TYR B 225 16.19 -33.01 -16.90
N HIS B 226 15.95 -32.77 -18.18
CA HIS B 226 15.93 -31.42 -18.69
C HIS B 226 14.90 -31.42 -19.81
N PHE B 227 13.89 -30.57 -19.69
CA PHE B 227 12.87 -30.46 -20.73
C PHE B 227 12.69 -29.01 -21.13
N SER B 228 12.40 -28.80 -22.41
CA SER B 228 12.24 -27.46 -22.93
C SER B 228 10.85 -27.35 -23.52
N ILE B 229 10.00 -26.54 -22.88
CA ILE B 229 8.58 -26.56 -23.19
C ILE B 229 8.22 -25.32 -23.99
N PRO B 230 7.75 -25.53 -25.23
CA PRO B 230 7.43 -24.42 -26.13
C PRO B 230 6.40 -23.47 -25.55
N ALA B 231 6.67 -22.18 -25.66
CA ALA B 231 5.68 -21.15 -25.46
C ALA B 231 4.79 -21.07 -26.69
N LYS B 232 3.54 -21.53 -26.55
CA LYS B 232 2.62 -21.65 -27.67
C LYS B 232 2.01 -20.30 -28.05
N THR B 233 1.64 -20.17 -29.33
CA THR B 233 1.24 -18.89 -29.89
C THR B 233 -0.16 -18.94 -30.51
N GLU B 234 -0.93 -19.97 -30.18
CA GLU B 234 -2.37 -19.96 -30.50
C GLU B 234 -2.98 -18.63 -30.07
N GLU B 235 -3.91 -18.11 -30.87
CA GLU B 235 -4.36 -16.75 -30.70
C GLU B 235 -5.41 -16.65 -29.61
N LYS B 236 -6.19 -17.71 -29.43
CA LYS B 236 -7.31 -17.66 -28.49
C LYS B 236 -7.36 -18.83 -27.51
N SER B 237 -6.24 -19.53 -27.35
CA SER B 237 -6.17 -20.67 -26.43
C SER B 237 -4.73 -20.75 -25.94
N ASN B 238 -4.43 -21.77 -25.13
CA ASN B 238 -3.08 -21.93 -24.58
C ASN B 238 -2.68 -20.70 -23.77
N LEU B 239 -1.61 -20.03 -24.15
CA LEU B 239 -1.17 -18.83 -23.44
C LEU B 239 -2.16 -17.68 -23.62
N ASN B 240 -2.96 -17.73 -24.68
CA ASN B 240 -3.88 -16.65 -25.01
C ASN B 240 -5.36 -16.93 -24.73
N VAL B 241 -5.66 -17.85 -23.81
CA VAL B 241 -7.05 -18.13 -23.44
C VAL B 241 -7.86 -16.90 -23.05
N PHE B 242 -7.17 -15.83 -22.63
CA PHE B 242 -7.84 -14.56 -22.32
C PHE B 242 -8.72 -14.09 -23.49
N PHE B 243 -8.26 -14.35 -24.71
CA PHE B 243 -8.98 -13.95 -25.92
C PHE B 243 -9.99 -14.99 -26.36
N GLY B 244 -10.08 -16.09 -25.62
CA GLY B 244 -11.10 -17.10 -25.85
C GLY B 244 -12.44 -16.66 -25.28
N GLU B 245 -13.40 -17.58 -25.28
CA GLU B 245 -14.76 -17.24 -24.85
C GLU B 245 -14.85 -17.07 -23.34
N GLY B 246 -15.58 -16.05 -22.90
CA GLY B 246 -15.79 -15.83 -21.49
C GLY B 246 -16.86 -16.71 -20.86
N ARG B 247 -16.96 -16.67 -19.54
CA ARG B 247 -17.98 -17.43 -18.82
C ARG B 247 -19.26 -16.64 -18.69
N ARG B 248 -20.35 -17.28 -19.12
CA ARG B 248 -21.69 -16.73 -18.97
C ARG B 248 -22.36 -17.39 -17.80
N ASP B 249 -22.87 -16.59 -16.87
CA ASP B 249 -23.61 -17.13 -15.74
C ASP B 249 -25.06 -17.36 -16.17
N LYS B 250 -25.89 -17.86 -15.25
CA LYS B 250 -27.32 -18.11 -15.49
C LYS B 250 -28.05 -16.98 -16.24
N ARG B 251 -27.75 -15.74 -15.86
CA ARG B 251 -28.46 -14.58 -16.39
C ARG B 251 -27.93 -14.07 -17.73
N GLY B 252 -26.80 -14.61 -18.20
CA GLY B 252 -26.18 -14.12 -19.42
C GLY B 252 -25.13 -13.04 -19.20
N PHE B 253 -24.82 -12.73 -17.95
CA PHE B 253 -23.71 -11.84 -17.61
C PHE B 253 -22.40 -12.48 -18.01
N VAL B 254 -21.64 -11.78 -18.85
CA VAL B 254 -20.39 -12.32 -19.34
C VAL B 254 -19.15 -11.77 -18.61
N LYS B 255 -18.33 -12.70 -18.14
CA LYS B 255 -17.03 -12.44 -17.53
C LYS B 255 -15.94 -12.88 -18.49
N PRO B 256 -14.97 -12.00 -18.80
CA PRO B 256 -13.89 -12.56 -19.60
C PRO B 256 -13.07 -13.59 -18.83
N ARG B 257 -12.36 -14.45 -19.54
CA ARG B 257 -11.32 -15.26 -18.92
C ARG B 257 -10.24 -14.33 -18.42
N PRO B 258 -9.67 -14.63 -17.24
CA PRO B 258 -8.73 -13.70 -16.61
C PRO B 258 -7.49 -13.46 -17.47
N TRP B 259 -7.04 -12.21 -17.53
CA TRP B 259 -5.80 -11.85 -18.19
C TRP B 259 -4.62 -12.71 -17.80
N TYR B 260 -4.47 -13.00 -16.50
CA TYR B 260 -3.32 -13.77 -16.05
C TYR B 260 -3.57 -15.27 -15.99
N GLU B 261 -4.67 -15.73 -16.58
CA GLU B 261 -4.80 -17.15 -16.79
C GLU B 261 -4.16 -17.55 -18.11
N VAL B 262 -3.29 -18.55 -18.04
CA VAL B 262 -2.78 -19.19 -19.22
C VAL B 262 -3.08 -20.67 -19.10
N GLU B 263 -3.02 -21.38 -20.22
CA GLU B 263 -3.04 -22.82 -20.18
C GLU B 263 -1.70 -23.28 -20.75
N LEU B 264 -0.88 -23.88 -19.89
CA LEU B 264 0.39 -24.42 -20.33
C LEU B 264 0.18 -25.88 -20.69
N ILE B 265 0.19 -26.13 -21.99
CA ILE B 265 -0.15 -27.43 -22.55
C ILE B 265 1.07 -28.04 -23.21
N VAL B 266 1.48 -29.20 -22.70
CA VAL B 266 2.74 -29.82 -23.09
C VAL B 266 2.50 -31.08 -23.92
N SER B 267 3.15 -31.17 -25.07
CA SER B 267 2.92 -32.27 -26.00
C SER B 267 3.40 -33.63 -25.47
N LYS B 268 2.80 -34.68 -26.01
CA LYS B 268 3.12 -36.07 -25.71
C LYS B 268 4.61 -36.38 -25.92
N ASP B 269 5.20 -35.78 -26.95
CA ASP B 269 6.63 -35.89 -27.22
C ASP B 269 7.51 -35.54 -26.03
N ILE B 270 6.98 -34.75 -25.10
CA ILE B 270 7.78 -34.31 -23.97
C ILE B 270 7.42 -35.05 -22.69
N THR B 271 6.11 -35.15 -22.42
CA THR B 271 5.63 -35.75 -21.19
C THR B 271 5.88 -37.26 -21.14
N SER B 272 6.14 -37.87 -22.30
CA SER B 272 6.41 -39.30 -22.37
C SER B 272 7.87 -39.62 -22.06
N GLN B 273 8.70 -38.58 -21.94
CA GLN B 273 10.13 -38.78 -21.75
C GLN B 273 10.48 -39.18 -20.33
N GLU B 274 11.64 -39.81 -20.17
CA GLU B 274 12.11 -40.28 -18.87
C GLU B 274 12.22 -39.16 -17.87
N GLY B 275 11.75 -39.41 -16.65
CA GLY B 275 11.80 -38.43 -15.58
C GLY B 275 10.78 -37.30 -15.57
N TYR B 276 9.98 -37.13 -16.62
CA TYR B 276 8.96 -36.08 -16.61
C TYR B 276 7.98 -36.32 -15.45
N PRO B 277 7.66 -35.25 -14.71
CA PRO B 277 6.75 -35.32 -13.56
C PRO B 277 5.30 -35.59 -13.96
N VAL B 278 4.96 -36.84 -14.24
CA VAL B 278 3.63 -37.17 -14.71
C VAL B 278 2.66 -37.30 -13.56
N LEU B 279 1.45 -36.80 -13.77
CA LEU B 279 0.31 -36.96 -12.87
C LEU B 279 0.66 -36.76 -11.38
N LYS B 280 1.46 -35.75 -11.06
CA LYS B 280 1.93 -35.54 -9.69
C LYS B 280 2.01 -34.04 -9.36
N SER B 281 1.90 -33.71 -8.08
CA SER B 281 2.28 -32.38 -7.60
C SER B 281 3.74 -32.32 -7.18
N PHE B 282 4.38 -31.19 -7.47
CA PHE B 282 5.78 -30.96 -7.18
C PHE B 282 6.04 -29.48 -6.91
N THR B 283 7.12 -29.20 -6.19
CA THR B 283 7.54 -27.82 -5.99
C THR B 283 8.27 -27.29 -7.22
N VAL B 284 7.97 -26.07 -7.60
CA VAL B 284 8.71 -25.38 -8.65
C VAL B 284 9.48 -24.22 -8.05
N ILE B 285 10.75 -24.08 -8.42
CA ILE B 285 11.49 -22.89 -8.08
C ILE B 285 11.99 -22.19 -9.35
N THR B 286 11.69 -20.89 -9.47
CA THR B 286 11.96 -20.18 -10.71
C THR B 286 13.30 -19.45 -10.68
N ASP B 287 13.87 -19.23 -11.86
CA ASP B 287 15.15 -18.53 -11.97
C ASP B 287 15.14 -17.13 -11.36
N ASP B 288 13.96 -16.53 -11.23
CA ASP B 288 13.86 -15.18 -10.66
C ASP B 288 13.37 -15.18 -9.21
N GLY B 289 13.42 -16.35 -8.58
CA GLY B 289 13.30 -16.45 -7.13
C GLY B 289 11.93 -16.64 -6.52
N TRP B 290 11.06 -17.37 -7.19
CA TRP B 290 9.73 -17.65 -6.67
C TRP B 290 9.55 -19.14 -6.45
N GLN B 291 8.86 -19.51 -5.38
CA GLN B 291 8.54 -20.90 -5.12
C GLN B 291 7.04 -21.11 -4.98
N PHE B 292 6.53 -22.15 -5.65
CA PHE B 292 5.11 -22.49 -5.56
C PHE B 292 4.88 -23.90 -6.09
N GLN B 293 3.82 -24.54 -5.62
CA GLN B 293 3.46 -25.88 -6.08
C GLN B 293 2.83 -25.86 -7.46
N CYS B 294 3.29 -26.77 -8.31
CA CYS B 294 2.62 -27.00 -9.59
C CYS B 294 2.12 -28.44 -9.67
N LYS B 295 1.35 -28.70 -10.70
CA LYS B 295 0.64 -29.97 -10.82
C LYS B 295 0.47 -30.32 -12.29
N THR B 296 0.70 -31.58 -12.63
CA THR B 296 0.50 -32.03 -14.00
C THR B 296 -0.72 -32.94 -13.98
N SER B 297 -1.51 -32.90 -15.05
CA SER B 297 -2.78 -33.60 -15.08
C SER B 297 -3.34 -33.67 -16.49
N GLY B 298 -4.44 -34.41 -16.64
CA GLY B 298 -5.10 -34.57 -17.91
C GLY B 298 -4.46 -35.67 -18.74
N ASP B 299 -4.95 -35.84 -19.97
CA ASP B 299 -4.40 -36.84 -20.88
C ASP B 299 -2.92 -36.63 -21.11
N TYR B 300 -2.12 -37.68 -20.93
CA TYR B 300 -0.68 -37.64 -21.15
C TYR B 300 0.02 -36.61 -20.26
N SER B 301 -0.59 -36.26 -19.13
CA SER B 301 -0.02 -35.28 -18.20
C SER B 301 0.17 -33.94 -18.92
N LYS B 302 -0.70 -33.70 -19.89
CA LYS B 302 -0.67 -32.55 -20.79
C LYS B 302 -0.69 -31.18 -20.10
N ASN B 303 -1.52 -31.06 -19.07
CA ASN B 303 -1.77 -29.76 -18.41
C ASN B 303 -0.79 -29.43 -17.27
N PHE B 304 -0.08 -28.32 -17.40
CA PHE B 304 0.87 -27.89 -16.38
C PHE B 304 0.27 -26.65 -15.69
N ARG B 305 0.04 -26.72 -14.38
CA ARG B 305 -0.72 -25.66 -13.66
C ARG B 305 -0.11 -25.23 -12.33
N SER B 306 -0.34 -23.97 -11.99
CA SER B 306 -0.15 -23.53 -10.62
C SER B 306 -1.22 -24.18 -9.78
N GLU B 307 -0.84 -24.80 -8.67
CA GLU B 307 -1.80 -25.60 -7.93
C GLU B 307 -2.65 -24.78 -6.94
N ASN B 308 -2.02 -23.89 -6.18
CA ASN B 308 -2.72 -23.12 -5.15
C ASN B 308 -3.48 -21.89 -5.67
N ASP B 309 -2.99 -21.33 -6.76
CA ASP B 309 -3.58 -20.13 -7.34
C ASP B 309 -3.53 -20.32 -8.85
N LEU B 310 -4.68 -20.32 -9.50
CA LEU B 310 -4.76 -20.48 -10.95
C LEU B 310 -3.86 -19.50 -11.71
N LYS B 311 -3.71 -18.30 -11.16
CA LYS B 311 -3.15 -17.17 -11.89
C LYS B 311 -1.62 -17.07 -11.80
N THR B 312 -1.04 -17.78 -10.84
CA THR B 312 0.41 -17.69 -10.59
C THR B 312 1.25 -17.94 -11.86
N LEU B 313 0.94 -19.01 -12.58
CA LEU B 313 1.74 -19.38 -13.76
C LEU B 313 1.63 -18.34 -14.88
N GLY B 314 0.42 -17.86 -15.14
CA GLY B 314 0.20 -16.82 -16.12
C GLY B 314 0.79 -15.49 -15.70
N LYS B 315 0.70 -15.18 -14.41
CA LYS B 315 1.28 -13.95 -13.87
C LYS B 315 2.80 -14.01 -13.95
N TRP B 316 3.36 -15.19 -13.71
CA TRP B 316 4.80 -15.39 -13.85
C TRP B 316 5.23 -15.18 -15.30
N ILE B 317 4.57 -15.90 -16.22
CA ILE B 317 4.91 -15.80 -17.63
C ILE B 317 4.62 -14.42 -18.25
N LYS B 318 3.36 -13.97 -18.15
CA LYS B 318 3.00 -12.66 -18.71
C LYS B 318 3.65 -11.48 -18.00
N GLY B 319 3.77 -11.56 -16.68
CA GLY B 319 4.39 -10.48 -15.93
C GLY B 319 5.82 -10.21 -16.33
N ARG B 320 6.57 -11.27 -16.62
CA ARG B 320 7.94 -11.14 -17.10
C ARG B 320 7.99 -10.45 -18.48
N LEU B 321 7.14 -10.91 -19.38
CA LEU B 321 6.99 -10.27 -20.68
C LEU B 321 6.57 -8.80 -20.53
N GLU B 322 5.71 -8.53 -19.56
CA GLU B 322 5.25 -7.17 -19.31
C GLU B 322 6.33 -6.27 -18.68
N SER B 323 7.13 -6.83 -17.77
CA SER B 323 8.17 -6.05 -17.11
C SER B 323 9.26 -5.61 -18.09
N HIS B 324 9.52 -6.47 -19.07
CA HIS B 324 10.45 -6.17 -20.16
C HIS B 324 9.87 -5.24 -21.23
N GLY B 325 8.56 -5.03 -21.20
CA GLY B 325 7.91 -4.22 -22.22
C GLY B 325 7.62 -4.91 -23.54
N CYS B 326 7.64 -6.24 -23.53
CA CYS B 326 7.36 -7.03 -24.73
C CYS B 326 5.88 -7.33 -24.92
N LEU B 327 5.11 -7.14 -23.86
CA LEU B 327 3.67 -7.39 -23.89
C LEU B 327 2.95 -6.24 -23.20
N GLN B 328 1.86 -5.79 -23.80
CA GLN B 328 1.13 -4.65 -23.26
C GLN B 328 -0.31 -5.05 -23.01
N ASN B 329 -1.16 -4.07 -22.71
CA ASN B 329 -2.52 -4.33 -22.30
C ASN B 329 -3.30 -4.94 -23.44
N ASN B 330 -4.14 -5.92 -23.12
CA ASN B 330 -5.07 -6.48 -24.09
C ASN B 330 -4.36 -7.01 -25.34
N GLU B 331 -3.14 -7.53 -25.16
CA GLU B 331 -2.35 -7.99 -26.29
C GLU B 331 -2.07 -9.49 -26.24
N LYS B 332 -2.27 -10.15 -27.37
CA LYS B 332 -1.93 -11.56 -27.50
C LYS B 332 -0.43 -11.79 -27.62
N ILE B 333 0.05 -12.84 -26.96
CA ILE B 333 1.40 -13.34 -27.17
C ILE B 333 1.58 -14.01 -28.52
N THR B 334 2.52 -13.49 -29.30
CA THR B 334 2.86 -14.00 -30.62
C THR B 334 4.32 -14.45 -30.62
N HIS B 335 4.82 -14.99 -31.72
CA HIS B 335 6.24 -15.30 -31.80
C HIS B 335 7.14 -14.07 -31.77
N GLU B 336 6.62 -12.92 -32.22
CA GLU B 336 7.42 -11.71 -32.17
C GLU B 336 7.55 -11.19 -30.73
N THR B 337 6.52 -11.40 -29.91
CA THR B 337 6.61 -11.12 -28.48
C THR B 337 7.82 -11.84 -27.89
N LEU B 338 7.91 -13.12 -28.21
CA LEU B 338 8.93 -14.02 -27.69
C LEU B 338 10.32 -13.68 -28.23
N ARG B 339 10.39 -13.42 -29.53
CA ARG B 339 11.61 -12.96 -30.18
C ARG B 339 12.16 -11.67 -29.55
N GLU B 340 11.29 -10.70 -29.29
CA GLU B 340 11.72 -9.46 -28.66
C GLU B 340 12.21 -9.73 -27.25
N TYR B 341 11.48 -10.60 -26.55
CA TYR B 341 11.88 -11.05 -25.22
C TYR B 341 13.22 -11.77 -25.22
N GLY B 342 13.45 -12.62 -26.21
CA GLY B 342 14.68 -13.40 -26.29
C GLY B 342 14.52 -14.84 -25.87
N ASN B 343 13.29 -15.31 -25.73
CA ASN B 343 13.05 -16.70 -25.37
C ASN B 343 11.66 -17.18 -25.75
N ASP B 344 11.57 -18.42 -26.25
CA ASP B 344 10.28 -18.99 -26.63
C ASP B 344 10.04 -20.34 -25.97
N HIS B 345 10.79 -20.66 -24.93
CA HIS B 345 10.62 -21.93 -24.24
C HIS B 345 10.71 -21.77 -22.73
N PHE B 346 10.02 -22.66 -22.03
CA PHE B 346 10.13 -22.75 -20.58
C PHE B 346 10.99 -23.96 -20.24
N GLU B 347 12.03 -23.73 -19.47
CA GLU B 347 12.94 -24.81 -19.10
C GLU B 347 12.57 -25.43 -17.77
N LEU B 348 12.28 -26.72 -17.81
CA LEU B 348 11.95 -27.49 -16.62
C LEU B 348 13.00 -28.58 -16.41
N ARG B 349 13.81 -28.45 -15.37
CA ARG B 349 14.84 -29.46 -15.10
C ARG B 349 14.92 -29.86 -13.63
N SER B 350 15.42 -31.08 -13.39
CA SER B 350 15.36 -31.72 -12.09
C SER B 350 16.37 -31.22 -11.07
N THR B 351 16.10 -31.58 -9.81
CA THR B 351 17.04 -31.43 -8.71
C THR B 351 17.21 -32.82 -8.11
N ASP B 352 18.01 -32.95 -7.06
CA ASP B 352 18.23 -34.26 -6.43
C ASP B 352 16.97 -34.67 -5.67
N ASN B 353 16.06 -33.72 -5.49
CA ASN B 353 14.75 -34.01 -4.94
C ASN B 353 13.80 -34.13 -6.11
N PRO B 354 13.22 -35.33 -6.30
CA PRO B 354 12.30 -35.57 -7.42
C PRO B 354 10.99 -34.78 -7.30
N ASP B 355 10.78 -34.13 -6.16
CA ASP B 355 9.59 -33.32 -5.94
C ASP B 355 9.89 -31.83 -6.00
N VAL B 356 11.16 -31.49 -6.26
CA VAL B 356 11.53 -30.10 -6.46
C VAL B 356 12.10 -29.93 -7.86
N TRP B 357 11.51 -29.02 -8.63
CA TRP B 357 11.96 -28.78 -9.99
C TRP B 357 12.38 -27.34 -10.20
N LEU B 358 13.22 -27.11 -11.21
CA LEU B 358 13.60 -25.76 -11.58
C LEU B 358 12.88 -25.35 -12.86
N LEU B 359 12.33 -24.14 -12.85
CA LEU B 359 11.57 -23.63 -13.99
C LEU B 359 12.10 -22.25 -14.37
N SER B 360 12.49 -22.09 -15.63
CA SER B 360 13.11 -20.85 -16.06
C SER B 360 12.48 -20.26 -17.32
N PHE B 361 12.44 -18.93 -17.37
CA PHE B 361 11.97 -18.22 -18.54
C PHE B 361 12.74 -16.90 -18.66
N LYS B 362 14.07 -17.01 -18.75
CA LYS B 362 14.91 -15.83 -18.92
C LYS B 362 14.82 -15.23 -20.31
N GLY B 363 14.75 -13.91 -20.37
CA GLY B 363 14.78 -13.21 -21.64
C GLY B 363 16.22 -12.85 -21.96
N LYS B 364 16.46 -12.30 -23.15
CA LYS B 364 17.83 -11.96 -23.52
C LYS B 364 18.29 -10.83 -22.61
N ASN B 365 17.37 -9.90 -22.34
CA ASN B 365 17.56 -8.86 -21.33
C ASN B 365 18.82 -8.01 -21.53
#